data_8QGW
#
_entry.id   8QGW
#
_cell.length_a   63.537
_cell.length_b   116.328
_cell.length_c   189.621
_cell.angle_alpha   90.000
_cell.angle_beta   90.000
_cell.angle_gamma   90.000
#
_symmetry.space_group_name_H-M   'P 21 21 21'
#
loop_
_entity.id
_entity.type
_entity.pdbx_description
1 polymer 'NADH-quinone oxidoreductase subunit E'
2 polymer 'NADH-quinone oxidoreductase subunit F'
3 non-polymer 'FE2/S2 (INORGANIC) CLUSTER'
4 non-polymer 'SULFATE ION'
5 non-polymer 'IRON/SULFUR CLUSTER'
6 non-polymer 'FLAVIN MONONUCLEOTIDE'
7 non-polymer '3-ACETYLPYRIDINE ADENINE DINUCLEOTIDE'
8 non-polymer GLYCEROL
9 non-polymer 'CHLORIDE ION'
10 non-polymer 'SODIUM ION'
11 water water
#
loop_
_entity_poly.entity_id
_entity_poly.type
_entity_poly.pdbx_seq_one_letter_code
_entity_poly.pdbx_strand_id
1 'polypeptide(L)'
;MFKTEFEFPEELKTKLQEHINYFPKKRQAILLCLHEIQNYYGYIPPESLKPLADMLELPLNHVEGVVAFYDMFDREDKAK
YRIRVCVSIVCHLMGTNKLLKALENILGIKPGEVTPDGKFKIVPVQCLGACSEAPVFMVNDDEYKFESEVQLNEILSRYT
;
A,C
2 'polypeptide(L)'
;MRSYPAIPRIYAETTLNMLLKRAKKPRVHSIDEYLKDGGYQALEKALNMSPEEIIDWVDKSTLRGRGGAGFPTGKKWKFA
VQNPGPRYFICNADESEPGTFKDRIIIERDPHLLIEGIIISSYAIGANEAYIYIRGEYPAGYYILRDAIEEAKKKGFLGK
NILGSGFDLEIYVARGAGAYICGEETALIESLEGKRGHPRLKPPYPVQKGLWGKPTVVNNVETIANVPFIISMGWEEYRY
IGPSDYAGPKLFPVSGKVKKPGVYELPMNTTLREVIFKYAGGTLGNKKVKAVFSGALDCFSSEELDIPMDYSPLGFGGTG
TVIVLTEEDDIVEAALKIAEFYEHETCGQCTPCRVGCYEQANLLEKIYKGEATEQDWEGFDFVNRNIQPTSICGLGAVAG
RLIRQTLEKFPEEWEKYRKKSASLPLAGHHHHHH
;
B,D
#
# COMPACT_ATOMS: atom_id res chain seq x y z
N GLU A 5 -11.82 34.75 25.80
CA GLU A 5 -12.14 33.68 24.81
C GLU A 5 -11.17 32.52 25.02
N PHE A 6 -11.72 31.31 25.17
CA PHE A 6 -10.89 30.11 25.14
C PHE A 6 -10.40 29.88 23.72
N GLU A 7 -9.13 29.52 23.57
CA GLU A 7 -8.56 29.15 22.29
C GLU A 7 -7.78 27.85 22.41
N PHE A 8 -7.80 27.05 21.34
CA PHE A 8 -7.03 25.81 21.25
C PHE A 8 -5.55 26.14 21.08
N PRO A 9 -4.62 25.50 21.84
CA PRO A 9 -3.20 25.62 21.53
C PRO A 9 -2.94 25.19 20.08
N GLU A 10 -1.92 25.78 19.46
CA GLU A 10 -1.69 25.62 18.03
C GLU A 10 -1.55 24.14 17.68
N GLU A 11 -0.87 23.39 18.54
CA GLU A 11 -0.55 22.01 18.26
C GLU A 11 -1.82 21.14 18.27
N LEU A 12 -2.78 21.48 19.13
CA LEU A 12 -4.09 20.81 19.11
C LEU A 12 -4.88 21.28 17.89
N LYS A 13 -4.98 22.60 17.69
CA LYS A 13 -5.71 23.18 16.58
C LYS A 13 -5.31 22.52 15.25
N THR A 14 -3.99 22.35 15.04
CA THR A 14 -3.46 21.68 13.86
C THR A 14 -4.03 20.27 13.69
N LYS A 15 -4.04 19.47 14.76
CA LYS A 15 -4.57 18.11 14.70
C LYS A 15 -6.06 18.13 14.39
N LEU A 16 -6.78 19.08 15.00
CA LEU A 16 -8.22 19.18 14.78
C LEU A 16 -8.51 19.47 13.31
N GLN A 17 -7.73 20.37 12.72
CA GLN A 17 -7.92 20.73 11.33
C GLN A 17 -7.68 19.50 10.44
N GLU A 18 -6.63 18.71 10.77
CA GLU A 18 -6.31 17.53 9.98
C GLU A 18 -7.53 16.61 9.92
N HIS A 19 -8.17 16.41 11.08
CA HIS A 19 -9.39 15.62 11.12
C HIS A 19 -10.48 16.27 10.26
N ILE A 20 -10.61 17.60 10.37
CA ILE A 20 -11.71 18.30 9.69
C ILE A 20 -11.52 18.20 8.17
N ASN A 21 -10.26 18.18 7.71
CA ASN A 21 -9.94 18.09 6.29
C ASN A 21 -9.95 16.64 5.78
N TYR A 22 -10.05 15.66 6.68
CA TYR A 22 -9.86 14.26 6.31
C TYR A 22 -11.06 13.70 5.56
N PHE A 23 -12.25 13.89 6.12
CA PHE A 23 -13.47 13.40 5.49
C PHE A 23 -13.93 14.38 4.41
N PRO A 24 -14.81 13.93 3.50
CA PRO A 24 -15.36 14.84 2.49
C PRO A 24 -16.11 16.06 3.06
N LYS A 25 -16.84 15.89 4.17
CA LYS A 25 -17.59 16.97 4.83
C LYS A 25 -17.05 17.21 6.24
N LYS A 26 -17.00 18.48 6.63
CA LYS A 26 -16.32 18.86 7.86
C LYS A 26 -16.99 18.22 9.06
N ARG A 27 -18.34 18.17 9.06
CA ARG A 27 -19.06 17.73 10.25
C ARG A 27 -18.85 16.25 10.55
N GLN A 28 -18.38 15.47 9.57
CA GLN A 28 -18.07 14.07 9.80
C GLN A 28 -16.92 13.88 10.79
N ALA A 29 -16.10 14.93 11.01
CA ALA A 29 -14.92 14.83 11.86
C ALA A 29 -15.23 15.02 13.35
N ILE A 30 -16.50 15.20 13.72
CA ILE A 30 -16.85 15.63 15.07
C ILE A 30 -16.32 14.69 16.15
N LEU A 31 -16.47 13.38 16.00
CA LEU A 31 -16.02 12.44 17.02
C LEU A 31 -14.49 12.37 17.09
N LEU A 32 -13.81 12.36 15.95
CA LEU A 32 -12.36 12.36 15.93
C LEU A 32 -11.85 13.61 16.66
N CYS A 33 -12.49 14.76 16.42
CA CYS A 33 -12.08 15.98 17.10
C CYS A 33 -12.31 15.89 18.62
N LEU A 34 -13.47 15.35 19.04
CA LEU A 34 -13.76 15.20 20.45
C LEU A 34 -12.81 14.21 21.13
N HIS A 35 -12.41 13.16 20.42
CA HIS A 35 -11.41 12.24 20.95
C HIS A 35 -10.09 12.99 21.17
N GLU A 36 -9.72 13.81 20.19
CA GLU A 36 -8.44 14.53 20.21
C GLU A 36 -8.41 15.53 21.37
N ILE A 37 -9.56 16.19 21.60
CA ILE A 37 -9.69 17.16 22.69
C ILE A 37 -9.55 16.45 24.04
N GLN A 38 -10.21 15.30 24.22
CA GLN A 38 -10.14 14.57 25.48
C GLN A 38 -8.74 13.99 25.70
N ASN A 39 -8.12 13.51 24.62
CA ASN A 39 -6.72 13.13 24.68
C ASN A 39 -5.86 14.28 25.22
N TYR A 40 -6.07 15.49 24.69
CA TYR A 40 -5.19 16.60 25.01
C TYR A 40 -5.41 17.07 26.45
N TYR A 41 -6.67 17.21 26.87
CA TYR A 41 -6.99 17.91 28.11
C TYR A 41 -7.19 16.96 29.28
N GLY A 42 -7.47 15.68 29.01
CA GLY A 42 -7.83 14.71 30.04
C GLY A 42 -9.35 14.60 30.28
N TYR A 43 -10.11 15.35 29.48
CA TYR A 43 -11.56 15.50 29.56
C TYR A 43 -11.99 16.44 28.44
N ILE A 44 -13.31 16.62 28.27
CA ILE A 44 -13.82 17.64 27.36
C ILE A 44 -14.11 18.91 28.15
N PRO A 45 -13.30 19.99 28.06
CA PRO A 45 -13.65 21.24 28.71
C PRO A 45 -14.90 21.86 28.07
N PRO A 46 -15.94 22.21 28.86
CA PRO A 46 -17.11 22.93 28.34
C PRO A 46 -16.79 24.08 27.40
N GLU A 47 -15.73 24.86 27.71
CA GLU A 47 -15.34 26.02 26.92
C GLU A 47 -14.85 25.62 25.52
N SER A 48 -14.42 24.36 25.35
CA SER A 48 -13.86 23.85 24.10
C SER A 48 -14.91 23.53 23.01
N LEU A 49 -16.18 23.42 23.42
CA LEU A 49 -17.23 23.04 22.48
C LEU A 49 -17.60 24.16 21.51
N LYS A 50 -17.74 25.41 22.00
CA LYS A 50 -18.04 26.46 21.03
C LYS A 50 -16.96 26.36 19.87
N PRO A 51 -15.66 26.52 20.19
CA PRO A 51 -14.61 26.76 19.14
C PRO A 51 -14.67 25.61 18.15
N LEU A 52 -14.96 24.45 18.72
CA LEU A 52 -15.05 23.26 17.90
C LEU A 52 -16.27 23.35 16.99
N ALA A 53 -17.41 23.81 17.52
CA ALA A 53 -18.59 24.03 16.70
C ALA A 53 -18.26 25.00 15.55
N ASP A 54 -17.58 26.11 15.84
CA ASP A 54 -17.23 27.06 14.79
C ASP A 54 -16.41 26.35 13.71
N MET A 55 -15.43 25.54 14.12
CA MET A 55 -14.52 24.88 13.19
C MET A 55 -15.26 23.84 12.33
N LEU A 56 -16.27 23.18 12.92
CA LEU A 56 -17.06 22.18 12.21
C LEU A 56 -18.21 22.82 11.41
N GLU A 57 -18.44 24.13 11.61
CA GLU A 57 -19.56 24.85 11.00
C GLU A 57 -20.88 24.21 11.41
N LEU A 58 -20.98 23.88 12.71
CA LEU A 58 -22.17 23.29 13.33
C LEU A 58 -22.67 24.22 14.44
N PRO A 59 -23.98 24.21 14.74
CA PRO A 59 -24.45 24.89 15.94
C PRO A 59 -23.90 24.27 17.22
N LEU A 60 -23.65 25.12 18.23
CA LEU A 60 -23.15 24.65 19.51
C LEU A 60 -24.06 23.59 20.11
N ASN A 61 -25.38 23.78 20.06
CA ASN A 61 -26.26 22.81 20.71
C ASN A 61 -26.15 21.44 20.04
N HIS A 62 -25.82 21.40 18.73
CA HIS A 62 -25.53 20.14 18.05
C HIS A 62 -24.31 19.48 18.68
N VAL A 63 -23.21 20.23 18.83
CA VAL A 63 -22.02 19.66 19.42
C VAL A 63 -22.32 19.19 20.85
N GLU A 64 -23.03 20.02 21.63
CA GLU A 64 -23.26 19.68 23.02
C GLU A 64 -24.04 18.36 23.10
N GLY A 65 -25.04 18.21 22.22
CA GLY A 65 -25.85 16.99 22.19
C GLY A 65 -25.02 15.76 21.88
N VAL A 66 -24.05 15.91 20.98
CA VAL A 66 -23.19 14.80 20.62
C VAL A 66 -22.30 14.41 21.80
N VAL A 67 -21.72 15.40 22.49
CA VAL A 67 -20.87 15.06 23.62
C VAL A 67 -21.70 14.30 24.67
N ALA A 68 -22.96 14.73 24.87
CA ALA A 68 -23.81 14.14 25.89
C ALA A 68 -24.14 12.70 25.53
N PHE A 69 -24.26 12.44 24.22
CA PHE A 69 -24.76 11.15 23.75
C PHE A 69 -23.74 10.04 23.89
N TYR A 70 -22.47 10.37 23.63
CA TYR A 70 -21.42 9.38 23.45
C TYR A 70 -20.67 9.18 24.78
N ASP A 71 -20.74 7.95 25.29
CA ASP A 71 -20.33 7.64 26.65
C ASP A 71 -18.82 7.73 26.88
N MET A 72 -17.98 7.67 25.84
CA MET A 72 -16.54 7.74 26.07
C MET A 72 -16.15 9.14 26.54
N PHE A 73 -16.94 10.16 26.16
CA PHE A 73 -16.58 11.54 26.46
C PHE A 73 -16.98 11.91 27.87
N ASP A 74 -16.12 12.69 28.55
CA ASP A 74 -16.30 13.08 29.94
C ASP A 74 -16.08 14.58 30.06
N ARG A 75 -17.12 15.33 30.44
CA ARG A 75 -17.02 16.77 30.63
C ARG A 75 -16.80 17.14 32.10
N GLU A 76 -16.84 16.15 33.00
CA GLU A 76 -16.85 16.42 34.43
C GLU A 76 -15.44 16.34 35.02
N ASP A 77 -14.72 15.24 34.76
CA ASP A 77 -13.51 14.93 35.51
C ASP A 77 -12.28 14.88 34.59
N LYS A 78 -11.25 15.63 34.97
CA LYS A 78 -9.94 15.56 34.35
C LYS A 78 -9.21 14.35 34.93
N ALA A 79 -8.66 13.50 34.05
CA ALA A 79 -7.78 12.42 34.51
C ALA A 79 -6.73 12.12 33.43
N LYS A 80 -5.48 11.93 33.87
CA LYS A 80 -4.40 11.64 32.94
C LYS A 80 -4.61 10.26 32.32
N TYR A 81 -5.02 9.28 33.14
CA TYR A 81 -5.22 7.92 32.66
C TYR A 81 -6.63 7.44 33.04
N ARG A 82 -7.39 7.00 32.03
CA ARG A 82 -8.69 6.40 32.27
C ARG A 82 -8.55 4.87 32.30
N ILE A 83 -8.84 4.29 33.47
CA ILE A 83 -8.83 2.84 33.63
C ILE A 83 -10.26 2.36 33.35
N ARG A 84 -10.49 1.87 32.14
CA ARG A 84 -11.80 1.39 31.72
C ARG A 84 -11.93 -0.07 32.14
N VAL A 85 -12.92 -0.36 33.00
CA VAL A 85 -13.09 -1.69 33.55
C VAL A 85 -14.40 -2.25 32.99
N CYS A 86 -14.33 -3.38 32.30
CA CYS A 86 -15.51 -4.02 31.78
C CYS A 86 -16.35 -4.60 32.91
N VAL A 87 -17.66 -4.26 32.92
CA VAL A 87 -18.59 -4.71 33.95
C VAL A 87 -19.70 -5.57 33.32
N SER A 88 -19.53 -5.94 32.05
CA SER A 88 -20.52 -6.74 31.34
C SER A 88 -20.41 -8.23 31.72
N ILE A 89 -21.27 -9.05 31.09
CA ILE A 89 -21.52 -10.42 31.55
C ILE A 89 -20.25 -11.29 31.70
N VAL A 90 -19.42 -11.38 30.65
CA VAL A 90 -18.34 -12.35 30.68
C VAL A 90 -17.29 -11.93 31.70
N CYS A 91 -16.90 -10.65 31.71
CA CYS A 91 -15.94 -10.20 32.71
C CYS A 91 -16.52 -10.36 34.12
N HIS A 92 -17.82 -10.10 34.28
CA HIS A 92 -18.46 -10.31 35.56
C HIS A 92 -18.27 -11.75 36.03
N LEU A 93 -18.59 -12.74 35.18
CA LEU A 93 -18.46 -14.16 35.47
C LEU A 93 -17.02 -14.53 35.80
N MET A 94 -16.06 -13.86 35.14
CA MET A 94 -14.67 -14.28 35.23
C MET A 94 -13.84 -13.46 36.22
N GLY A 95 -14.35 -12.35 36.77
CA GLY A 95 -13.69 -11.71 37.91
C GLY A 95 -13.59 -10.19 37.89
N THR A 96 -14.57 -9.48 37.31
CA THR A 96 -14.61 -8.02 37.40
C THR A 96 -14.42 -7.57 38.86
N ASN A 97 -15.12 -8.21 39.81
CA ASN A 97 -15.09 -7.74 41.19
C ASN A 97 -13.69 -7.93 41.81
N LYS A 98 -12.93 -8.93 41.39
CA LYS A 98 -11.56 -9.11 41.85
C LYS A 98 -10.65 -8.00 41.33
N LEU A 99 -10.86 -7.61 40.07
CA LEU A 99 -10.15 -6.52 39.43
C LEU A 99 -10.47 -5.21 40.15
N LEU A 100 -11.75 -4.95 40.45
CA LEU A 100 -12.11 -3.72 41.14
C LEU A 100 -11.52 -3.66 42.54
N LYS A 101 -11.49 -4.81 43.24
CA LYS A 101 -10.90 -4.83 44.57
C LYS A 101 -9.40 -4.54 44.48
N ALA A 102 -8.70 -5.19 43.54
CA ALA A 102 -7.28 -4.93 43.33
C ALA A 102 -7.03 -3.45 43.06
N LEU A 103 -7.90 -2.81 42.26
CA LEU A 103 -7.69 -1.40 41.92
C LEU A 103 -7.90 -0.53 43.15
N GLU A 104 -8.90 -0.89 43.97
CA GLU A 104 -9.11 -0.16 45.20
C GLU A 104 -7.89 -0.29 46.13
N ASN A 105 -7.33 -1.51 46.25
CA ASN A 105 -6.16 -1.76 47.07
C ASN A 105 -4.97 -0.92 46.62
N ILE A 106 -4.73 -0.82 45.31
CA ILE A 106 -3.55 -0.15 44.79
C ILE A 106 -3.74 1.38 44.81
N LEU A 107 -4.92 1.87 44.37
CA LEU A 107 -5.12 3.28 44.04
C LEU A 107 -6.01 3.99 45.07
N GLY A 108 -6.77 3.25 45.88
CA GLY A 108 -7.65 3.84 46.89
C GLY A 108 -8.96 4.43 46.36
N ILE A 109 -9.34 4.07 45.12
CA ILE A 109 -10.55 4.60 44.51
C ILE A 109 -11.45 3.47 43.99
N LYS A 110 -12.72 3.83 43.79
CA LYS A 110 -13.77 2.95 43.28
C LYS A 110 -14.26 3.48 41.94
N PRO A 111 -15.07 2.70 41.17
CA PRO A 111 -15.60 3.16 39.89
C PRO A 111 -16.24 4.54 39.97
N GLY A 112 -15.92 5.38 38.99
CA GLY A 112 -16.44 6.74 38.95
C GLY A 112 -15.55 7.76 39.67
N GLU A 113 -14.53 7.32 40.42
CA GLU A 113 -13.72 8.23 41.23
C GLU A 113 -12.39 8.49 40.54
N VAL A 114 -11.79 9.65 40.87
CA VAL A 114 -10.46 10.05 40.43
C VAL A 114 -9.51 10.07 41.62
N THR A 115 -8.26 9.64 41.42
CA THR A 115 -7.27 9.74 42.49
C THR A 115 -7.01 11.21 42.79
N PRO A 116 -6.61 11.56 44.02
CA PRO A 116 -6.47 12.96 44.43
C PRO A 116 -5.42 13.76 43.66
N ASP A 117 -4.48 13.05 43.00
CA ASP A 117 -3.47 13.69 42.16
C ASP A 117 -3.97 13.92 40.73
N GLY A 118 -5.19 13.48 40.40
CA GLY A 118 -5.72 13.62 39.06
C GLY A 118 -5.17 12.59 38.07
N LYS A 119 -4.44 11.59 38.56
CA LYS A 119 -3.73 10.66 37.68
C LYS A 119 -4.64 9.60 37.08
N PHE A 120 -5.45 8.93 37.90
CA PHE A 120 -6.24 7.81 37.42
C PHE A 120 -7.73 8.02 37.69
N LYS A 121 -8.58 7.70 36.71
CA LYS A 121 -10.01 7.59 36.95
C LYS A 121 -10.48 6.18 36.59
N ILE A 122 -11.23 5.52 37.48
CA ILE A 122 -11.84 4.25 37.11
C ILE A 122 -13.19 4.53 36.44
N VAL A 123 -13.33 4.00 35.21
CA VAL A 123 -14.51 4.19 34.39
C VAL A 123 -15.13 2.81 34.14
N PRO A 124 -16.32 2.49 34.70
CA PRO A 124 -17.01 1.25 34.36
C PRO A 124 -17.57 1.30 32.94
N VAL A 125 -17.30 0.28 32.13
CA VAL A 125 -17.73 0.26 30.73
C VAL A 125 -18.41 -1.06 30.41
N GLN A 126 -19.16 -1.02 29.32
CA GLN A 126 -19.75 -2.21 28.73
C GLN A 126 -18.68 -3.01 27.98
N CYS A 127 -19.06 -4.21 27.57
CA CYS A 127 -18.18 -5.17 26.90
C CYS A 127 -17.17 -4.50 25.97
N LEU A 128 -15.88 -4.76 26.22
CA LEU A 128 -14.78 -4.22 25.44
C LEU A 128 -14.37 -5.11 24.27
N GLY A 129 -15.16 -6.16 23.97
CA GLY A 129 -14.81 -7.04 22.87
C GLY A 129 -13.45 -7.74 23.04
N ALA A 130 -13.15 -8.20 24.25
CA ALA A 130 -12.00 -9.09 24.48
C ALA A 130 -12.35 -10.21 25.48
N CYS A 131 -13.56 -10.76 25.34
CA CYS A 131 -14.21 -11.49 26.41
C CYS A 131 -13.48 -12.81 26.76
N SER A 132 -12.78 -13.41 25.79
CA SER A 132 -11.98 -14.61 26.04
C SER A 132 -10.83 -14.33 27.01
N GLU A 133 -10.47 -13.06 27.13
CA GLU A 133 -9.40 -12.61 28.00
C GLU A 133 -9.95 -11.90 29.25
N ALA A 134 -11.20 -12.23 29.62
CA ALA A 134 -11.86 -11.65 30.78
C ALA A 134 -11.15 -12.04 32.08
N PRO A 135 -11.11 -11.16 33.10
CA PRO A 135 -11.67 -9.80 33.06
C PRO A 135 -10.74 -8.76 32.43
N VAL A 136 -11.32 -7.86 31.62
CA VAL A 136 -10.59 -6.96 30.73
C VAL A 136 -10.63 -5.54 31.31
N PHE A 137 -9.50 -4.84 31.14
CA PHE A 137 -9.50 -3.40 31.36
C PHE A 137 -8.60 -2.72 30.33
N MET A 138 -8.80 -1.41 30.21
CA MET A 138 -7.92 -0.55 29.43
C MET A 138 -7.30 0.48 30.37
N VAL A 139 -6.10 0.92 30.01
CA VAL A 139 -5.48 2.11 30.56
C VAL A 139 -5.22 3.02 29.37
N ASN A 140 -6.02 4.09 29.27
CA ASN A 140 -6.10 4.87 28.03
C ASN A 140 -6.29 3.88 26.89
N ASP A 141 -5.41 3.87 25.89
CA ASP A 141 -5.65 3.06 24.70
C ASP A 141 -5.17 1.61 24.86
N ASP A 142 -4.36 1.33 25.88
CA ASP A 142 -3.80 -0.01 26.09
C ASP A 142 -4.82 -0.93 26.75
N GLU A 143 -4.89 -2.19 26.34
CA GLU A 143 -5.88 -3.10 26.89
C GLU A 143 -5.22 -4.38 27.39
N TYR A 144 -5.71 -4.89 28.53
CA TYR A 144 -5.09 -6.01 29.22
C TYR A 144 -6.13 -6.94 29.83
N LYS A 145 -5.76 -8.24 29.94
CA LYS A 145 -6.40 -9.14 30.88
C LYS A 145 -5.85 -8.89 32.29
N PHE A 146 -6.73 -8.78 33.29
CA PHE A 146 -6.36 -8.85 34.69
C PHE A 146 -6.10 -10.29 35.14
N GLU A 147 -4.91 -10.53 35.70
CA GLU A 147 -4.53 -11.81 36.28
C GLU A 147 -4.55 -11.80 37.81
N SER A 148 -4.06 -10.74 38.47
CA SER A 148 -3.91 -10.71 39.92
C SER A 148 -3.50 -9.31 40.35
N GLU A 149 -3.57 -9.03 41.65
CA GLU A 149 -3.15 -7.73 42.14
C GLU A 149 -1.67 -7.46 41.86
N VAL A 150 -0.77 -8.45 42.01
CA VAL A 150 0.65 -8.21 41.79
C VAL A 150 0.89 -7.82 40.32
N GLN A 151 0.20 -8.52 39.41
CA GLN A 151 0.32 -8.25 38.00
C GLN A 151 -0.20 -6.85 37.65
N LEU A 152 -1.35 -6.49 38.22
CA LEU A 152 -1.97 -5.20 37.95
C LEU A 152 -1.07 -4.08 38.42
N ASN A 153 -0.45 -4.29 39.58
CA ASN A 153 0.42 -3.29 40.17
C ASN A 153 1.58 -3.01 39.23
N GLU A 154 2.14 -4.06 38.64
CA GLU A 154 3.22 -3.94 37.68
C GLU A 154 2.76 -3.18 36.43
N ILE A 155 1.56 -3.49 35.92
CA ILE A 155 1.04 -2.80 34.75
C ILE A 155 0.89 -1.30 35.05
N LEU A 156 0.26 -0.97 36.18
CA LEU A 156 -0.05 0.42 36.49
C LEU A 156 1.22 1.23 36.71
N SER A 157 2.31 0.57 37.13
CA SER A 157 3.58 1.21 37.38
C SER A 157 4.17 1.78 36.08
N ARG A 158 3.68 1.34 34.92
CA ARG A 158 4.19 1.81 33.64
C ARG A 158 3.60 3.17 33.24
N TYR A 159 2.57 3.64 33.98
CA TYR A 159 1.87 4.88 33.66
C TYR A 159 2.23 5.90 34.73
N THR A 160 2.95 6.96 34.33
CA THR A 160 3.59 7.84 35.29
C THR A 160 3.15 9.30 35.09
N SER B 3 4.53 1.35 16.23
CA SER B 3 4.09 0.89 17.58
C SER B 3 2.59 1.10 17.78
N TYR B 4 1.90 0.09 18.31
CA TYR B 4 0.45 0.17 18.53
C TYR B 4 0.16 -0.07 20.00
N PRO B 5 -1.01 0.42 20.50
CA PRO B 5 -1.44 0.16 21.88
C PRO B 5 -1.52 -1.34 22.17
N ALA B 6 -1.38 -1.70 23.45
CA ALA B 6 -1.42 -3.08 23.88
C ALA B 6 -2.79 -3.67 23.58
N ILE B 7 -2.78 -4.91 23.08
CA ILE B 7 -3.98 -5.68 22.78
C ILE B 7 -3.82 -7.04 23.45
N PRO B 8 -4.83 -7.58 24.17
CA PRO B 8 -4.71 -8.94 24.70
C PRO B 8 -4.53 -9.92 23.54
N ARG B 9 -3.78 -11.00 23.78
CA ARG B 9 -3.50 -11.99 22.74
C ARG B 9 -4.58 -13.07 22.74
N ILE B 10 -5.72 -12.78 22.12
CA ILE B 10 -6.85 -13.69 22.05
C ILE B 10 -6.40 -14.93 21.28
N TYR B 11 -6.73 -16.11 21.81
CA TYR B 11 -6.41 -17.35 21.15
C TYR B 11 -7.29 -17.51 19.91
N ALA B 12 -6.70 -18.02 18.80
CA ALA B 12 -7.41 -18.23 17.56
C ALA B 12 -6.98 -19.55 16.96
N GLU B 13 -7.94 -20.30 16.43
CA GLU B 13 -7.71 -21.64 15.89
C GLU B 13 -8.63 -21.84 14.69
N THR B 14 -8.12 -22.54 13.65
CA THR B 14 -8.87 -22.72 12.43
C THR B 14 -8.70 -24.13 11.91
N THR B 15 -9.81 -24.68 11.37
CA THR B 15 -9.76 -25.91 10.61
C THR B 15 -9.84 -25.66 9.11
N LEU B 16 -9.98 -24.39 8.66
CA LEU B 16 -10.18 -24.09 7.24
C LEU B 16 -9.03 -23.25 6.68
N ASN B 17 -8.30 -22.54 7.54
CA ASN B 17 -7.15 -21.77 7.13
C ASN B 17 -7.51 -20.75 6.03
N MET B 18 -8.57 -19.97 6.28
CA MET B 18 -9.01 -18.93 5.36
C MET B 18 -8.93 -17.57 6.08
N LEU B 19 -10.00 -17.18 6.78
CA LEU B 19 -10.02 -15.90 7.45
C LEU B 19 -8.91 -15.84 8.51
N LEU B 20 -8.55 -16.99 9.12
CA LEU B 20 -7.53 -17.01 10.17
C LEU B 20 -6.19 -17.56 9.67
N LYS B 21 -5.95 -17.60 8.35
CA LYS B 21 -4.66 -18.12 7.87
C LYS B 21 -3.49 -17.35 8.50
N ARG B 22 -3.62 -16.02 8.56
CA ARG B 22 -2.60 -15.19 9.21
C ARG B 22 -3.06 -14.79 10.62
N ALA B 23 -4.37 -14.51 10.77
CA ALA B 23 -4.89 -13.96 12.02
C ALA B 23 -4.89 -15.01 13.15
N LYS B 24 -4.52 -16.26 12.86
CA LYS B 24 -4.30 -17.22 13.94
C LYS B 24 -3.05 -16.87 14.75
N LYS B 25 -2.12 -16.07 14.18
CA LYS B 25 -0.94 -15.61 14.91
C LYS B 25 -1.21 -14.22 15.44
N PRO B 26 -1.03 -13.96 16.77
CA PRO B 26 -1.50 -12.71 17.37
C PRO B 26 -0.56 -11.53 17.16
N ARG B 27 -0.48 -11.05 15.91
CA ARG B 27 0.38 -9.92 15.59
C ARG B 27 -0.12 -9.29 14.31
N VAL B 28 0.32 -8.05 14.03
CA VAL B 28 -0.02 -7.38 12.79
C VAL B 28 0.73 -8.01 11.62
N HIS B 29 -0.01 -8.39 10.56
CA HIS B 29 0.59 -8.86 9.32
C HIS B 29 0.56 -7.71 8.32
N SER B 30 1.73 -7.20 7.93
CA SER B 30 1.72 -6.01 7.07
C SER B 30 1.68 -6.43 5.60
N ILE B 31 1.73 -5.46 4.68
CA ILE B 31 1.34 -5.74 3.30
C ILE B 31 2.29 -6.73 2.63
N ASP B 32 3.59 -6.69 2.96
CA ASP B 32 4.55 -7.60 2.33
C ASP B 32 4.20 -9.04 2.68
N GLU B 33 3.89 -9.32 3.96
CA GLU B 33 3.47 -10.66 4.34
C GLU B 33 2.19 -11.07 3.61
N TYR B 34 1.27 -10.11 3.51
CA TYR B 34 -0.01 -10.36 2.85
C TYR B 34 0.22 -10.70 1.38
N LEU B 35 1.08 -9.93 0.69
CA LEU B 35 1.40 -10.16 -0.72
C LEU B 35 2.09 -11.51 -0.92
N LYS B 36 2.96 -11.90 0.02
CA LYS B 36 3.65 -13.18 -0.10
C LYS B 36 2.66 -14.34 -0.12
N ASP B 37 1.51 -14.17 0.55
CA ASP B 37 0.47 -15.19 0.60
C ASP B 37 -0.52 -15.07 -0.56
N GLY B 38 -0.19 -14.27 -1.61
CA GLY B 38 -1.08 -14.13 -2.75
C GLY B 38 -2.10 -13.00 -2.60
N GLY B 39 -2.01 -12.23 -1.51
CA GLY B 39 -2.88 -11.11 -1.25
C GLY B 39 -2.96 -10.13 -2.42
N TYR B 40 -4.15 -9.56 -2.61
CA TYR B 40 -4.48 -8.54 -3.60
C TYR B 40 -4.52 -9.11 -5.01
N GLN B 41 -4.24 -10.41 -5.18
CA GLN B 41 -4.43 -11.03 -6.49
C GLN B 41 -5.92 -11.18 -6.79
N ALA B 42 -6.72 -11.44 -5.76
CA ALA B 42 -8.17 -11.48 -5.95
C ALA B 42 -8.67 -10.12 -6.44
N LEU B 43 -8.21 -9.03 -5.85
CA LEU B 43 -8.58 -7.72 -6.36
C LEU B 43 -8.16 -7.58 -7.83
N GLU B 44 -6.96 -8.00 -8.20
CA GLU B 44 -6.53 -7.84 -9.59
C GLU B 44 -7.47 -8.60 -10.54
N LYS B 45 -7.89 -9.81 -10.12
CA LYS B 45 -8.83 -10.63 -10.88
C LYS B 45 -10.18 -9.92 -11.01
N ALA B 46 -10.64 -9.33 -9.89
CA ALA B 46 -11.93 -8.65 -9.82
C ALA B 46 -11.97 -7.47 -10.78
N LEU B 47 -10.87 -6.71 -10.85
CA LEU B 47 -10.85 -5.51 -11.68
C LEU B 47 -10.85 -5.86 -13.17
N ASN B 48 -10.60 -7.13 -13.52
CA ASN B 48 -10.71 -7.60 -14.89
C ASN B 48 -12.10 -8.21 -15.15
N MET B 49 -12.96 -8.19 -14.13
CA MET B 49 -14.34 -8.64 -14.23
C MET B 49 -15.24 -7.41 -14.23
N SER B 50 -16.47 -7.57 -14.73
CA SER B 50 -17.47 -6.51 -14.61
C SER B 50 -17.99 -6.47 -13.17
N PRO B 51 -18.40 -5.30 -12.64
CA PRO B 51 -19.07 -5.24 -11.34
C PRO B 51 -20.24 -6.22 -11.25
N GLU B 52 -21.00 -6.33 -12.34
CA GLU B 52 -22.15 -7.22 -12.40
C GLU B 52 -21.75 -8.69 -12.18
N GLU B 53 -20.63 -9.12 -12.76
N GLU B 53 -20.63 -9.10 -12.79
CA GLU B 53 -20.19 -10.50 -12.56
CA GLU B 53 -20.09 -10.43 -12.61
C GLU B 53 -19.75 -10.71 -11.11
C GLU B 53 -19.74 -10.69 -11.13
N ILE B 54 -19.12 -9.70 -10.48
CA ILE B 54 -18.72 -9.84 -9.09
C ILE B 54 -19.95 -10.02 -8.21
N ILE B 55 -20.98 -9.20 -8.45
CA ILE B 55 -22.23 -9.32 -7.73
C ILE B 55 -22.77 -10.75 -7.90
N ASP B 56 -22.75 -11.26 -9.13
CA ASP B 56 -23.29 -12.59 -9.42
C ASP B 56 -22.52 -13.66 -8.66
N TRP B 57 -21.19 -13.54 -8.63
CA TRP B 57 -20.37 -14.51 -7.92
C TRP B 57 -20.68 -14.47 -6.42
N VAL B 58 -20.75 -13.27 -5.84
CA VAL B 58 -21.02 -13.17 -4.42
C VAL B 58 -22.42 -13.72 -4.12
N ASP B 59 -23.38 -13.48 -5.04
CA ASP B 59 -24.72 -14.00 -4.89
C ASP B 59 -24.68 -15.53 -4.88
N LYS B 60 -24.04 -16.13 -5.90
CA LYS B 60 -24.05 -17.58 -6.07
C LYS B 60 -23.21 -18.29 -5.00
N SER B 61 -22.28 -17.57 -4.34
CA SER B 61 -21.50 -18.15 -3.25
C SER B 61 -22.36 -18.56 -2.06
N THR B 62 -23.53 -17.90 -1.91
CA THR B 62 -24.46 -18.04 -0.78
C THR B 62 -24.02 -17.30 0.47
N LEU B 63 -22.99 -16.43 0.37
CA LEU B 63 -22.54 -15.65 1.50
C LEU B 63 -23.73 -14.89 2.10
N ARG B 64 -23.86 -14.98 3.41
CA ARG B 64 -24.86 -14.28 4.20
C ARG B 64 -24.18 -13.39 5.22
N GLY B 65 -24.85 -12.30 5.57
CA GLY B 65 -24.33 -11.35 6.52
C GLY B 65 -23.87 -11.99 7.83
N ARG B 66 -22.69 -11.54 8.30
CA ARG B 66 -22.09 -12.07 9.51
C ARG B 66 -22.26 -11.12 10.71
N GLY B 67 -23.04 -10.04 10.55
CA GLY B 67 -23.21 -9.08 11.65
C GLY B 67 -24.43 -9.39 12.51
N GLY B 68 -25.12 -10.51 12.21
CA GLY B 68 -26.14 -11.03 13.10
C GLY B 68 -27.46 -11.41 12.42
N ALA B 69 -27.82 -10.77 11.29
CA ALA B 69 -29.14 -10.97 10.69
C ALA B 69 -29.12 -11.94 9.51
N GLY B 70 -27.94 -12.24 8.94
CA GLY B 70 -27.84 -13.27 7.92
C GLY B 70 -28.48 -12.95 6.57
N PHE B 71 -28.59 -11.66 6.21
CA PHE B 71 -29.18 -11.27 4.94
C PHE B 71 -28.21 -11.67 3.83
N PRO B 72 -28.71 -12.22 2.72
CA PRO B 72 -27.82 -12.62 1.62
C PRO B 72 -27.08 -11.45 1.00
N THR B 73 -25.74 -11.53 0.99
CA THR B 73 -24.90 -10.38 0.68
C THR B 73 -25.02 -9.95 -0.78
N GLY B 74 -24.96 -10.90 -1.73
CA GLY B 74 -25.07 -10.55 -3.14
C GLY B 74 -26.40 -9.86 -3.46
N LYS B 75 -27.47 -10.33 -2.81
CA LYS B 75 -28.78 -9.76 -2.99
C LYS B 75 -28.80 -8.32 -2.46
N LYS B 76 -28.16 -8.07 -1.31
CA LYS B 76 -28.10 -6.73 -0.77
C LYS B 76 -27.43 -5.81 -1.80
N TRP B 77 -26.32 -6.25 -2.37
CA TRP B 77 -25.62 -5.47 -3.38
C TRP B 77 -26.53 -5.18 -4.58
N LYS B 78 -27.25 -6.20 -5.06
CA LYS B 78 -28.16 -6.04 -6.18
C LYS B 78 -29.21 -4.96 -5.90
N PHE B 79 -29.79 -4.97 -4.69
CA PHE B 79 -30.73 -3.93 -4.30
C PHE B 79 -30.11 -2.53 -4.41
N ALA B 80 -28.84 -2.37 -4.00
CA ALA B 80 -28.19 -1.07 -4.06
C ALA B 80 -28.03 -0.60 -5.50
N VAL B 81 -27.59 -1.50 -6.40
CA VAL B 81 -27.17 -1.07 -7.72
C VAL B 81 -28.37 -0.83 -8.65
N GLN B 82 -29.59 -1.18 -8.21
CA GLN B 82 -30.77 -0.86 -9.00
C GLN B 82 -31.16 0.60 -8.78
N ASN B 83 -30.48 1.28 -7.85
CA ASN B 83 -30.75 2.68 -7.54
C ASN B 83 -29.63 3.59 -8.06
N PRO B 84 -29.95 4.78 -8.58
CA PRO B 84 -28.93 5.68 -9.11
C PRO B 84 -27.87 6.11 -8.09
N GLY B 85 -26.64 6.27 -8.60
CA GLY B 85 -25.52 6.70 -7.79
C GLY B 85 -25.54 8.20 -7.52
N PRO B 86 -24.54 8.74 -6.78
CA PRO B 86 -23.41 7.95 -6.27
C PRO B 86 -23.85 6.98 -5.17
N ARG B 87 -23.02 5.95 -4.95
CA ARG B 87 -23.27 4.94 -3.93
C ARG B 87 -22.09 4.90 -2.97
N TYR B 88 -22.36 4.42 -1.74
CA TYR B 88 -21.36 4.36 -0.70
C TYR B 88 -21.29 2.93 -0.18
N PHE B 89 -20.08 2.56 0.25
CA PHE B 89 -19.86 1.28 0.89
C PHE B 89 -19.35 1.52 2.31
N ILE B 90 -20.00 0.86 3.29
CA ILE B 90 -19.59 0.97 4.69
C ILE B 90 -19.29 -0.42 5.26
N CYS B 91 -18.09 -0.54 5.83
CA CYS B 91 -17.71 -1.65 6.67
C CYS B 91 -18.05 -1.35 8.13
N ASN B 92 -18.94 -2.17 8.70
CA ASN B 92 -19.36 -2.06 10.09
C ASN B 92 -18.37 -2.80 10.99
N ALA B 93 -17.50 -2.04 11.67
CA ALA B 93 -16.57 -2.56 12.65
C ALA B 93 -16.93 -2.05 14.05
N ASP B 94 -18.25 -1.95 14.35
CA ASP B 94 -18.63 -1.42 15.66
C ASP B 94 -18.58 -2.48 16.79
N GLU B 95 -18.57 -3.75 16.40
CA GLU B 95 -18.52 -4.92 17.28
C GLU B 95 -18.53 -4.60 18.77
N SER B 96 -19.74 -4.55 19.37
CA SER B 96 -19.86 -4.16 20.76
C SER B 96 -20.85 -5.05 21.52
N GLU B 97 -21.41 -6.10 20.90
CA GLU B 97 -22.31 -6.98 21.63
C GLU B 97 -21.51 -7.85 22.62
N PRO B 98 -21.97 -8.00 23.89
CA PRO B 98 -21.28 -8.85 24.86
C PRO B 98 -20.94 -10.23 24.31
N GLY B 99 -19.69 -10.63 24.53
CA GLY B 99 -19.20 -11.93 24.08
C GLY B 99 -18.55 -11.89 22.70
N THR B 100 -18.72 -10.77 21.95
CA THR B 100 -18.38 -10.80 20.53
C THR B 100 -17.04 -10.11 20.27
N PHE B 101 -16.06 -10.90 19.81
CA PHE B 101 -14.70 -10.38 19.59
C PHE B 101 -14.06 -10.99 18.34
N LYS B 102 -14.90 -11.44 17.42
CA LYS B 102 -14.45 -12.09 16.19
C LYS B 102 -13.87 -11.08 15.18
N ASP B 103 -14.48 -9.89 15.05
CA ASP B 103 -14.13 -8.95 13.99
C ASP B 103 -12.77 -8.31 14.25
N ARG B 104 -12.47 -8.08 15.53
CA ARG B 104 -11.25 -7.37 15.88
C ARG B 104 -10.03 -8.18 15.47
N ILE B 105 -10.13 -9.51 15.47
CA ILE B 105 -8.89 -10.21 15.21
C ILE B 105 -8.53 -10.13 13.73
N ILE B 106 -9.52 -9.98 12.83
CA ILE B 106 -9.23 -9.69 11.43
C ILE B 106 -8.59 -8.31 11.31
N ILE B 107 -9.26 -7.31 11.91
CA ILE B 107 -8.80 -5.93 11.83
C ILE B 107 -7.34 -5.83 12.29
N GLU B 108 -7.07 -6.35 13.49
CA GLU B 108 -5.81 -6.07 14.17
C GLU B 108 -4.67 -6.95 13.66
N ARG B 109 -4.99 -8.09 13.02
CA ARG B 109 -3.96 -9.05 12.64
C ARG B 109 -3.80 -9.19 11.13
N ASP B 110 -4.87 -9.03 10.37
CA ASP B 110 -4.82 -9.26 8.93
C ASP B 110 -5.61 -8.13 8.27
N PRO B 111 -5.27 -6.84 8.54
CA PRO B 111 -6.08 -5.74 8.03
C PRO B 111 -6.26 -5.74 6.51
N HIS B 112 -5.27 -6.23 5.75
CA HIS B 112 -5.33 -6.24 4.30
C HIS B 112 -6.40 -7.17 3.77
N LEU B 113 -6.73 -8.24 4.52
CA LEU B 113 -7.83 -9.08 4.09
C LEU B 113 -9.12 -8.27 4.03
N LEU B 114 -9.37 -7.48 5.09
CA LEU B 114 -10.55 -6.65 5.15
C LEU B 114 -10.49 -5.58 4.05
N ILE B 115 -9.34 -4.91 3.92
CA ILE B 115 -9.19 -3.84 2.94
C ILE B 115 -9.42 -4.38 1.53
N GLU B 116 -8.82 -5.53 1.21
CA GLU B 116 -9.00 -6.13 -0.10
C GLU B 116 -10.49 -6.40 -0.36
N GLY B 117 -11.17 -6.92 0.67
CA GLY B 117 -12.59 -7.15 0.54
C GLY B 117 -13.38 -5.88 0.34
N ILE B 118 -13.00 -4.80 1.02
CA ILE B 118 -13.69 -3.52 0.87
C ILE B 118 -13.54 -3.01 -0.55
N ILE B 119 -12.34 -3.14 -1.13
CA ILE B 119 -12.11 -2.58 -2.45
C ILE B 119 -12.94 -3.36 -3.46
N ILE B 120 -12.90 -4.70 -3.42
CA ILE B 120 -13.66 -5.52 -4.34
C ILE B 120 -15.16 -5.18 -4.25
N SER B 121 -15.67 -5.11 -3.01
CA SER B 121 -17.09 -4.87 -2.78
C SER B 121 -17.48 -3.48 -3.31
N SER B 122 -16.61 -2.46 -3.08
CA SER B 122 -16.90 -1.12 -3.53
C SER B 122 -16.96 -1.08 -5.06
N TYR B 123 -16.04 -1.77 -5.72
CA TYR B 123 -16.02 -1.89 -7.17
C TYR B 123 -17.32 -2.51 -7.66
N ALA B 124 -17.75 -3.59 -6.97
CA ALA B 124 -18.95 -4.32 -7.37
C ALA B 124 -20.17 -3.40 -7.38
N ILE B 125 -20.30 -2.48 -6.42
CA ILE B 125 -21.50 -1.65 -6.35
C ILE B 125 -21.28 -0.26 -6.94
N GLY B 126 -20.10 0.01 -7.49
CA GLY B 126 -19.80 1.30 -8.07
C GLY B 126 -19.64 2.44 -7.05
N ALA B 127 -19.19 2.13 -5.82
CA ALA B 127 -18.90 3.12 -4.80
C ALA B 127 -17.44 3.58 -4.96
N ASN B 128 -17.23 4.90 -4.99
CA ASN B 128 -15.89 5.46 -5.05
C ASN B 128 -15.45 6.00 -3.70
N GLU B 129 -16.34 5.91 -2.69
CA GLU B 129 -16.05 6.32 -1.33
C GLU B 129 -16.55 5.23 -0.39
N ALA B 130 -15.66 4.75 0.47
CA ALA B 130 -16.01 3.71 1.42
C ALA B 130 -15.54 4.15 2.79
N TYR B 131 -16.19 3.58 3.80
CA TYR B 131 -15.89 3.90 5.18
C TYR B 131 -15.69 2.61 5.97
N ILE B 132 -14.81 2.70 6.95
CA ILE B 132 -14.84 1.79 8.06
C ILE B 132 -15.24 2.57 9.29
N TYR B 133 -16.29 2.10 9.97
CA TYR B 133 -16.73 2.67 11.24
C TYR B 133 -16.32 1.70 12.34
N ILE B 134 -15.25 2.07 13.08
CA ILE B 134 -14.72 1.19 14.13
C ILE B 134 -15.03 1.79 15.50
N ARG B 135 -15.49 0.94 16.43
CA ARG B 135 -15.83 1.40 17.76
C ARG B 135 -14.64 2.14 18.37
N GLY B 136 -14.96 3.15 19.17
CA GLY B 136 -13.95 3.93 19.86
C GLY B 136 -13.04 3.13 20.78
N GLU B 137 -13.54 2.01 21.30
CA GLU B 137 -12.79 1.21 22.28
C GLU B 137 -11.84 0.23 21.59
N TYR B 138 -11.66 0.37 20.28
CA TYR B 138 -10.69 -0.40 19.50
C TYR B 138 -9.66 0.58 18.92
N PRO B 139 -8.92 1.32 19.76
CA PRO B 139 -7.95 2.28 19.24
C PRO B 139 -6.83 1.63 18.45
N ALA B 140 -6.37 0.45 18.88
CA ALA B 140 -5.28 -0.19 18.16
C ALA B 140 -5.74 -0.55 16.75
N GLY B 141 -6.95 -1.12 16.65
CA GLY B 141 -7.52 -1.46 15.36
C GLY B 141 -7.60 -0.23 14.45
N TYR B 142 -7.95 0.93 15.02
CA TYR B 142 -8.03 2.15 14.24
C TYR B 142 -6.64 2.50 13.67
N TYR B 143 -5.61 2.52 14.52
CA TYR B 143 -4.28 2.91 14.03
C TYR B 143 -3.74 1.89 13.03
N ILE B 144 -4.03 0.60 13.30
CA ILE B 144 -3.58 -0.46 12.42
C ILE B 144 -4.20 -0.27 11.03
N LEU B 145 -5.51 0.00 10.97
CA LEU B 145 -6.20 0.20 9.70
C LEU B 145 -5.70 1.44 8.96
N ARG B 146 -5.49 2.55 9.69
CA ARG B 146 -5.00 3.77 9.05
C ARG B 146 -3.66 3.49 8.35
N ASP B 147 -2.76 2.77 9.03
CA ASP B 147 -1.45 2.43 8.51
C ASP B 147 -1.57 1.46 7.32
N ALA B 148 -2.47 0.46 7.43
CA ALA B 148 -2.64 -0.52 6.37
C ALA B 148 -3.22 0.17 5.12
N ILE B 149 -4.11 1.15 5.29
CA ILE B 149 -4.65 1.86 4.14
C ILE B 149 -3.54 2.62 3.42
N GLU B 150 -2.64 3.26 4.18
CA GLU B 150 -1.50 3.92 3.58
C GLU B 150 -0.61 2.95 2.80
N GLU B 151 -0.35 1.73 3.32
CA GLU B 151 0.38 0.71 2.58
C GLU B 151 -0.32 0.37 1.26
N ALA B 152 -1.64 0.20 1.31
CA ALA B 152 -2.43 -0.13 0.12
C ALA B 152 -2.30 0.99 -0.91
N LYS B 153 -2.28 2.24 -0.45
N LYS B 153 -2.38 2.24 -0.46
CA LYS B 153 -2.08 3.38 -1.34
CA LYS B 153 -2.18 3.39 -1.34
C LYS B 153 -0.69 3.36 -1.98
C LYS B 153 -0.83 3.33 -2.05
N LYS B 154 0.35 3.09 -1.17
N LYS B 154 0.21 3.07 -1.27
CA LYS B 154 1.72 2.97 -1.67
CA LYS B 154 1.59 3.08 -1.75
C LYS B 154 1.77 2.00 -2.83
C LYS B 154 1.78 2.00 -2.83
N LYS B 155 1.07 0.88 -2.69
CA LYS B 155 1.14 -0.22 -3.63
C LYS B 155 0.14 -0.09 -4.78
N GLY B 156 -0.64 1.00 -4.83
CA GLY B 156 -1.53 1.24 -5.95
C GLY B 156 -2.85 0.48 -5.91
N PHE B 157 -3.27 0.01 -4.73
CA PHE B 157 -4.56 -0.68 -4.62
C PHE B 157 -5.70 0.27 -4.24
N LEU B 158 -5.36 1.52 -3.86
CA LEU B 158 -6.31 2.59 -3.57
C LEU B 158 -5.88 3.86 -4.30
N GLY B 159 -6.82 4.81 -4.40
CA GLY B 159 -6.57 6.06 -5.10
C GLY B 159 -7.33 6.08 -6.42
N LYS B 160 -6.86 6.90 -7.37
CA LYS B 160 -7.55 6.98 -8.65
C LYS B 160 -7.02 5.90 -9.59
N ASN B 161 -7.90 5.43 -10.47
CA ASN B 161 -7.48 4.65 -11.63
C ASN B 161 -6.65 3.46 -11.13
N ILE B 162 -7.27 2.67 -10.24
CA ILE B 162 -6.58 1.61 -9.53
C ILE B 162 -6.14 0.53 -10.52
N LEU B 163 -4.82 0.36 -10.63
CA LEU B 163 -4.20 -0.60 -11.54
C LEU B 163 -4.73 -0.46 -12.95
N GLY B 164 -4.93 0.79 -13.38
CA GLY B 164 -5.29 1.08 -14.75
C GLY B 164 -6.75 0.76 -15.09
N SER B 165 -7.57 0.48 -14.08
CA SER B 165 -8.93 0.02 -14.32
C SER B 165 -9.89 1.17 -14.66
N GLY B 166 -9.51 2.42 -14.35
CA GLY B 166 -10.49 3.51 -14.31
C GLY B 166 -11.34 3.60 -13.02
N PHE B 167 -11.20 2.65 -12.09
CA PHE B 167 -11.94 2.65 -10.82
C PHE B 167 -11.20 3.43 -9.74
N ASP B 168 -11.90 4.39 -9.10
CA ASP B 168 -11.35 5.24 -8.05
C ASP B 168 -11.92 4.82 -6.70
N LEU B 169 -11.09 4.77 -5.66
CA LEU B 169 -11.61 4.52 -4.33
C LEU B 169 -10.73 5.17 -3.27
N GLU B 170 -11.41 5.83 -2.31
CA GLU B 170 -10.81 6.21 -1.04
C GLU B 170 -11.59 5.50 0.07
N ILE B 171 -10.84 5.01 1.08
CA ILE B 171 -11.42 4.44 2.29
C ILE B 171 -11.11 5.38 3.46
N TYR B 172 -12.18 5.83 4.13
CA TYR B 172 -12.08 6.70 5.30
C TYR B 172 -12.36 5.88 6.56
N VAL B 173 -11.58 6.11 7.62
CA VAL B 173 -11.78 5.40 8.88
C VAL B 173 -12.35 6.37 9.91
N ALA B 174 -13.57 6.04 10.36
CA ALA B 174 -14.27 6.80 11.40
C ALA B 174 -14.25 6.00 12.69
N ARG B 175 -14.31 6.72 13.82
CA ARG B 175 -14.32 6.09 15.13
C ARG B 175 -15.64 6.40 15.82
N GLY B 176 -16.17 5.37 16.47
CA GLY B 176 -17.24 5.55 17.42
C GLY B 176 -16.75 6.17 18.72
N ALA B 177 -17.68 6.33 19.66
CA ALA B 177 -17.39 7.02 20.91
C ALA B 177 -18.26 6.52 22.06
N GLY B 178 -18.61 5.23 22.05
CA GLY B 178 -19.13 4.55 23.24
C GLY B 178 -20.55 3.99 23.14
N ALA B 179 -21.18 4.06 21.97
CA ALA B 179 -22.59 3.68 21.86
C ALA B 179 -22.74 2.38 21.08
N TYR B 180 -23.27 1.32 21.73
CA TYR B 180 -23.54 0.06 21.07
C TYR B 180 -24.53 0.23 19.92
N ILE B 181 -25.42 1.23 20.04
CA ILE B 181 -26.47 1.40 19.05
C ILE B 181 -25.86 1.85 17.72
N CYS B 182 -24.63 2.38 17.74
CA CYS B 182 -24.00 2.78 16.49
C CYS B 182 -23.53 1.60 15.63
N GLY B 183 -23.74 0.37 16.10
CA GLY B 183 -23.63 -0.81 15.24
C GLY B 183 -24.89 -1.08 14.42
N GLU B 184 -26.02 -0.53 14.81
CA GLU B 184 -27.21 -0.63 13.98
C GLU B 184 -26.96 0.23 12.75
N GLU B 185 -27.17 -0.31 11.56
CA GLU B 185 -26.61 0.28 10.35
C GLU B 185 -27.10 1.72 10.14
N THR B 186 -28.37 2.05 10.52
CA THR B 186 -28.85 3.41 10.27
C THR B 186 -28.34 4.40 11.33
N ALA B 187 -28.15 3.93 12.57
CA ALA B 187 -27.51 4.77 13.58
C ALA B 187 -26.05 5.01 13.22
N LEU B 188 -25.41 3.98 12.66
CA LEU B 188 -24.02 4.09 12.20
C LEU B 188 -23.92 5.20 11.16
N ILE B 189 -24.80 5.18 10.17
CA ILE B 189 -24.82 6.24 9.16
C ILE B 189 -25.07 7.61 9.77
N GLU B 190 -26.03 7.75 10.71
CA GLU B 190 -26.23 9.03 11.38
C GLU B 190 -24.93 9.50 12.02
N SER B 191 -24.20 8.57 12.62
CA SER B 191 -22.93 8.90 13.27
C SER B 191 -21.85 9.32 12.28
N LEU B 192 -21.78 8.66 11.12
CA LEU B 192 -20.90 9.06 10.04
C LEU B 192 -21.23 10.47 9.50
N GLU B 193 -22.48 10.92 9.67
CA GLU B 193 -22.97 12.21 9.20
C GLU B 193 -22.76 13.28 10.28
N GLY B 194 -22.12 12.88 11.40
CA GLY B 194 -21.74 13.80 12.46
C GLY B 194 -22.82 14.03 13.51
N LYS B 195 -23.78 13.11 13.60
CA LYS B 195 -24.91 13.28 14.52
C LYS B 195 -24.89 12.20 15.62
N ARG B 196 -25.85 12.32 16.53
CA ARG B 196 -26.10 11.27 17.49
C ARG B 196 -26.51 9.98 16.75
N GLY B 197 -26.22 8.84 17.38
CA GLY B 197 -26.53 7.54 16.83
C GLY B 197 -27.98 7.14 17.07
N HIS B 198 -28.90 7.75 16.31
CA HIS B 198 -30.30 7.44 16.41
C HIS B 198 -30.74 6.66 15.17
N PRO B 199 -31.15 5.39 15.32
CA PRO B 199 -31.69 4.63 14.19
C PRO B 199 -32.83 5.36 13.48
N ARG B 200 -32.91 5.10 12.17
CA ARG B 200 -33.93 5.64 11.31
C ARG B 200 -35.00 4.55 11.12
N LEU B 201 -36.26 4.99 10.92
CA LEU B 201 -37.29 4.09 10.46
C LEU B 201 -36.85 3.43 9.16
N LYS B 202 -36.94 2.09 9.06
N LYS B 202 -36.99 2.11 9.11
CA LYS B 202 -36.71 1.39 7.79
CA LYS B 202 -36.76 1.28 7.95
C LYS B 202 -37.81 0.35 7.56
C LYS B 202 -38.06 0.57 7.62
N PRO B 203 -38.41 0.28 6.34
CA PRO B 203 -37.81 0.94 5.17
C PRO B 203 -37.97 2.46 5.17
N PRO B 204 -37.14 3.21 4.41
CA PRO B 204 -36.19 2.63 3.46
C PRO B 204 -34.94 2.00 4.10
N TYR B 205 -34.41 0.99 3.41
CA TYR B 205 -33.15 0.37 3.78
C TYR B 205 -32.03 1.25 3.26
N PRO B 206 -30.82 1.17 3.87
CA PRO B 206 -29.69 1.97 3.38
C PRO B 206 -29.41 1.81 1.89
N VAL B 207 -29.67 0.62 1.31
CA VAL B 207 -29.38 0.40 -0.11
C VAL B 207 -30.25 1.27 -1.03
N GLN B 208 -31.40 1.75 -0.51
CA GLN B 208 -32.21 2.72 -1.20
C GLN B 208 -31.84 4.13 -0.74
N LYS B 209 -31.78 4.35 0.58
CA LYS B 209 -31.53 5.67 1.13
C LYS B 209 -30.64 5.56 2.37
N GLY B 210 -29.37 5.97 2.23
CA GLY B 210 -28.38 5.79 3.28
C GLY B 210 -27.60 7.05 3.64
N LEU B 211 -26.28 6.98 3.48
CA LEU B 211 -25.41 8.10 3.77
C LEU B 211 -25.72 9.24 2.80
N TRP B 212 -26.02 10.42 3.34
CA TRP B 212 -26.44 11.59 2.59
C TRP B 212 -27.64 11.25 1.70
N GLY B 213 -28.43 10.25 2.11
CA GLY B 213 -29.64 9.86 1.40
C GLY B 213 -29.39 9.05 0.13
N LYS B 214 -28.14 8.63 -0.10
CA LYS B 214 -27.76 7.93 -1.33
C LYS B 214 -27.73 6.43 -1.07
N PRO B 215 -27.81 5.57 -2.12
CA PRO B 215 -27.70 4.13 -1.92
C PRO B 215 -26.39 3.79 -1.21
N THR B 216 -26.51 3.00 -0.14
CA THR B 216 -25.41 2.65 0.72
C THR B 216 -25.53 1.17 1.11
N VAL B 217 -24.44 0.43 0.94
CA VAL B 217 -24.34 -0.94 1.45
C VAL B 217 -23.57 -0.89 2.76
N VAL B 218 -24.17 -1.44 3.82
CA VAL B 218 -23.46 -1.71 5.06
C VAL B 218 -23.25 -3.21 5.16
N ASN B 219 -21.98 -3.62 5.39
CA ASN B 219 -21.65 -5.00 5.63
C ASN B 219 -20.68 -5.09 6.81
N ASN B 220 -20.81 -6.19 7.51
CA ASN B 220 -19.98 -6.52 8.67
C ASN B 220 -18.55 -6.89 8.22
N VAL B 221 -17.59 -6.63 9.11
CA VAL B 221 -16.18 -6.96 8.90
C VAL B 221 -16.02 -8.39 8.36
N GLU B 222 -16.57 -9.37 9.09
CA GLU B 222 -16.39 -10.76 8.71
C GLU B 222 -17.02 -11.04 7.35
N THR B 223 -18.23 -10.51 7.07
CA THR B 223 -18.82 -10.69 5.75
C THR B 223 -17.82 -10.31 4.65
N ILE B 224 -17.27 -9.11 4.81
CA ILE B 224 -16.39 -8.49 3.82
C ILE B 224 -15.12 -9.32 3.63
N ALA B 225 -14.58 -9.84 4.74
CA ALA B 225 -13.38 -10.70 4.70
C ALA B 225 -13.56 -11.96 3.87
N ASN B 226 -14.80 -12.42 3.63
CA ASN B 226 -15.04 -13.56 2.76
C ASN B 226 -14.87 -13.25 1.27
N VAL B 227 -15.06 -11.99 0.88
CA VAL B 227 -15.17 -11.59 -0.52
C VAL B 227 -13.90 -11.98 -1.28
N PRO B 228 -12.68 -11.71 -0.77
CA PRO B 228 -11.46 -12.10 -1.50
C PRO B 228 -11.40 -13.60 -1.83
N PHE B 229 -11.95 -14.44 -0.92
CA PHE B 229 -11.93 -15.87 -1.12
C PHE B 229 -12.89 -16.27 -2.23
N ILE B 230 -14.06 -15.66 -2.26
CA ILE B 230 -15.03 -15.96 -3.31
C ILE B 230 -14.43 -15.65 -4.68
N ILE B 231 -13.73 -14.52 -4.81
CA ILE B 231 -13.12 -14.17 -6.08
C ILE B 231 -11.92 -15.08 -6.40
N SER B 232 -11.06 -15.31 -5.39
CA SER B 232 -9.86 -16.13 -5.59
C SER B 232 -10.22 -17.56 -6.01
N MET B 233 -11.13 -18.19 -5.25
CA MET B 233 -11.49 -19.60 -5.40
C MET B 233 -12.50 -19.79 -6.53
N GLY B 234 -13.30 -18.75 -6.78
CA GLY B 234 -14.54 -18.86 -7.54
C GLY B 234 -15.70 -19.25 -6.64
N TRP B 235 -16.92 -18.90 -7.05
CA TRP B 235 -18.06 -19.09 -6.16
C TRP B 235 -18.36 -20.59 -5.98
N GLU B 236 -18.10 -21.44 -6.98
CA GLU B 236 -18.39 -22.85 -6.87
C GLU B 236 -17.53 -23.53 -5.81
N GLU B 237 -16.20 -23.30 -5.85
CA GLU B 237 -15.30 -23.89 -4.88
C GLU B 237 -15.60 -23.38 -3.46
N TYR B 238 -15.95 -22.09 -3.35
CA TYR B 238 -16.29 -21.50 -2.07
C TYR B 238 -17.52 -22.22 -1.50
N ARG B 239 -18.53 -22.41 -2.36
CA ARG B 239 -19.80 -23.00 -1.98
C ARG B 239 -19.60 -24.46 -1.54
N TYR B 240 -18.49 -25.09 -1.93
CA TYR B 240 -18.12 -26.43 -1.49
C TYR B 240 -17.65 -26.48 -0.04
N ILE B 241 -17.39 -25.33 0.59
CA ILE B 241 -16.94 -25.33 1.98
C ILE B 241 -18.13 -25.49 2.93
N GLY B 242 -18.08 -26.51 3.79
CA GLY B 242 -19.13 -26.74 4.76
C GLY B 242 -20.43 -27.21 4.11
N PRO B 243 -21.58 -27.11 4.80
CA PRO B 243 -22.86 -27.60 4.26
C PRO B 243 -23.32 -26.69 3.14
N SER B 244 -23.93 -27.30 2.11
CA SER B 244 -24.22 -26.58 0.87
C SER B 244 -25.29 -25.51 1.10
N ASP B 245 -26.07 -25.58 2.18
CA ASP B 245 -27.09 -24.56 2.42
C ASP B 245 -26.57 -23.43 3.30
N TYR B 246 -25.41 -23.61 3.95
CA TYR B 246 -24.79 -22.57 4.77
C TYR B 246 -23.28 -22.64 4.65
N ALA B 247 -22.81 -22.23 3.47
CA ALA B 247 -21.46 -22.55 3.02
C ALA B 247 -20.51 -21.47 3.50
N GLY B 248 -19.25 -21.88 3.58
CA GLY B 248 -18.15 -20.98 3.83
C GLY B 248 -17.65 -21.06 5.26
N PRO B 249 -16.49 -20.44 5.52
CA PRO B 249 -15.96 -20.36 6.87
C PRO B 249 -16.80 -19.45 7.76
N LYS B 250 -16.82 -19.77 9.07
CA LYS B 250 -17.44 -18.87 10.04
C LYS B 250 -16.53 -18.75 11.25
N LEU B 251 -16.47 -17.55 11.82
CA LEU B 251 -15.74 -17.30 13.07
C LEU B 251 -16.68 -17.40 14.26
N PHE B 252 -16.22 -18.14 15.28
CA PHE B 252 -16.99 -18.37 16.49
C PHE B 252 -16.21 -17.85 17.69
N PRO B 253 -16.59 -16.69 18.27
CA PRO B 253 -15.95 -16.20 19.49
C PRO B 253 -16.56 -16.89 20.72
N VAL B 254 -15.71 -17.68 21.41
CA VAL B 254 -16.11 -18.52 22.51
C VAL B 254 -15.47 -17.95 23.79
N SER B 255 -16.28 -17.82 24.85
CA SER B 255 -15.83 -17.23 26.10
C SER B 255 -16.59 -17.85 27.28
N GLY B 256 -16.22 -17.39 28.47
CA GLY B 256 -16.78 -17.92 29.70
C GLY B 256 -16.06 -19.19 30.14
N LYS B 257 -16.84 -20.18 30.61
CA LYS B 257 -16.29 -21.30 31.36
C LYS B 257 -15.83 -22.44 30.46
N VAL B 258 -14.96 -22.13 29.50
CA VAL B 258 -14.30 -23.14 28.68
C VAL B 258 -12.79 -23.11 28.93
N LYS B 259 -12.09 -24.18 28.59
CA LYS B 259 -10.66 -24.25 28.86
C LYS B 259 -9.86 -23.41 27.87
N LYS B 260 -10.37 -23.31 26.63
CA LYS B 260 -9.66 -22.61 25.57
C LYS B 260 -10.53 -21.53 24.97
N PRO B 261 -10.85 -20.44 25.71
CA PRO B 261 -11.66 -19.38 25.12
C PRO B 261 -10.87 -18.69 24.02
N GLY B 262 -11.57 -18.30 22.95
CA GLY B 262 -10.92 -17.71 21.81
C GLY B 262 -11.82 -17.71 20.58
N VAL B 263 -11.23 -17.43 19.42
CA VAL B 263 -11.98 -17.39 18.17
C VAL B 263 -11.63 -18.64 17.35
N TYR B 264 -12.67 -19.36 16.91
CA TYR B 264 -12.52 -20.59 16.15
C TYR B 264 -13.11 -20.41 14.74
N GLU B 265 -12.32 -20.69 13.70
CA GLU B 265 -12.81 -20.69 12.34
C GLU B 265 -13.18 -22.13 11.96
N LEU B 266 -14.48 -22.35 11.72
CA LEU B 266 -15.07 -23.67 11.56
C LEU B 266 -16.20 -23.60 10.53
N PRO B 267 -16.56 -24.73 9.90
CA PRO B 267 -17.75 -24.78 9.03
C PRO B 267 -19.03 -24.77 9.87
N MET B 268 -20.15 -24.38 9.24
CA MET B 268 -21.36 -24.10 10.01
C MET B 268 -22.20 -25.35 10.25
N ASN B 269 -21.72 -26.52 9.84
CA ASN B 269 -22.33 -27.78 10.25
C ASN B 269 -21.78 -28.24 11.60
N THR B 270 -20.72 -27.58 12.10
CA THR B 270 -20.27 -27.83 13.47
C THR B 270 -21.45 -27.65 14.42
N THR B 271 -21.55 -28.50 15.46
CA THR B 271 -22.59 -28.32 16.47
C THR B 271 -22.07 -27.47 17.61
N LEU B 272 -22.99 -26.95 18.43
CA LEU B 272 -22.62 -26.18 19.62
C LEU B 272 -21.83 -27.08 20.59
N ARG B 273 -22.25 -28.34 20.76
CA ARG B 273 -21.51 -29.26 21.60
C ARG B 273 -20.06 -29.40 21.13
N GLU B 274 -19.86 -29.54 19.81
CA GLU B 274 -18.52 -29.66 19.25
C GLU B 274 -17.71 -28.39 19.51
N VAL B 275 -18.32 -27.21 19.32
CA VAL B 275 -17.62 -25.96 19.59
C VAL B 275 -17.04 -26.00 21.01
N ILE B 276 -17.86 -26.33 22.00
CA ILE B 276 -17.45 -26.31 23.40
C ILE B 276 -16.44 -27.41 23.73
N PHE B 277 -16.73 -28.66 23.34
CA PHE B 277 -16.00 -29.82 23.83
C PHE B 277 -14.91 -30.30 22.87
N LYS B 278 -15.15 -30.23 21.57
CA LYS B 278 -14.16 -30.70 20.59
C LYS B 278 -13.11 -29.62 20.35
N TYR B 279 -13.51 -28.35 20.24
CA TYR B 279 -12.61 -27.29 19.86
C TYR B 279 -12.14 -26.49 21.09
N ALA B 280 -13.05 -26.07 21.99
CA ALA B 280 -12.70 -25.11 23.03
C ALA B 280 -12.22 -25.83 24.30
N GLY B 281 -12.05 -27.16 24.22
CA GLY B 281 -11.37 -27.92 25.27
C GLY B 281 -12.27 -28.33 26.42
N GLY B 282 -13.59 -28.21 26.24
CA GLY B 282 -14.51 -28.53 27.33
C GLY B 282 -14.56 -27.42 28.37
N THR B 283 -15.18 -27.72 29.52
CA THR B 283 -15.49 -26.70 30.50
C THR B 283 -14.38 -26.59 31.55
N LEU B 284 -14.29 -25.40 32.16
CA LEU B 284 -13.41 -25.21 33.31
C LEU B 284 -13.83 -26.17 34.42
N GLY B 285 -12.86 -26.91 34.96
CA GLY B 285 -13.11 -27.85 36.04
C GLY B 285 -13.94 -29.06 35.62
N ASN B 286 -14.15 -29.23 34.31
CA ASN B 286 -15.03 -30.26 33.77
C ASN B 286 -16.41 -30.20 34.41
N LYS B 287 -16.89 -29.00 34.74
CA LYS B 287 -18.23 -28.82 35.28
C LYS B 287 -19.26 -28.94 34.17
N LYS B 288 -20.51 -29.24 34.55
CA LYS B 288 -21.57 -29.39 33.57
C LYS B 288 -21.94 -28.03 32.98
N VAL B 289 -22.20 -28.00 31.67
CA VAL B 289 -22.77 -26.83 31.03
C VAL B 289 -24.19 -26.61 31.55
N LYS B 290 -24.48 -25.37 31.96
CA LYS B 290 -25.82 -25.00 32.39
C LYS B 290 -26.55 -24.28 31.26
N ALA B 291 -25.87 -23.33 30.64
CA ALA B 291 -26.48 -22.55 29.56
C ALA B 291 -25.39 -21.99 28.67
N VAL B 292 -25.79 -21.60 27.45
CA VAL B 292 -24.94 -20.83 26.56
C VAL B 292 -25.72 -19.57 26.20
N PHE B 293 -25.10 -18.40 26.40
CA PHE B 293 -25.67 -17.17 25.92
C PHE B 293 -25.07 -16.88 24.54
N SER B 294 -25.98 -16.74 23.55
CA SER B 294 -25.63 -16.27 22.23
C SER B 294 -25.54 -14.75 22.31
N GLY B 295 -24.37 -14.24 22.71
CA GLY B 295 -24.20 -12.83 23.03
C GLY B 295 -25.27 -12.41 24.04
N ALA B 296 -25.96 -11.31 23.71
CA ALA B 296 -27.06 -10.82 24.53
C ALA B 296 -28.41 -11.11 23.85
N LEU B 297 -28.46 -12.11 22.95
CA LEU B 297 -29.62 -12.34 22.12
C LEU B 297 -30.46 -13.55 22.58
N ASP B 298 -29.82 -14.72 22.79
CA ASP B 298 -30.54 -15.95 23.08
C ASP B 298 -29.84 -16.69 24.23
N CYS B 299 -30.61 -17.53 24.91
CA CYS B 299 -30.14 -18.42 25.96
C CYS B 299 -30.49 -19.86 25.60
N PHE B 300 -29.47 -20.68 25.37
CA PHE B 300 -29.68 -22.10 25.10
C PHE B 300 -29.38 -22.89 26.36
N SER B 301 -30.20 -23.89 26.64
CA SER B 301 -29.98 -24.76 27.78
C SER B 301 -29.05 -25.91 27.39
N SER B 302 -28.64 -26.70 28.40
CA SER B 302 -27.80 -27.86 28.16
C SER B 302 -28.54 -28.95 27.35
N GLU B 303 -29.87 -28.83 27.21
CA GLU B 303 -30.65 -29.74 26.39
C GLU B 303 -30.59 -29.33 24.91
N GLU B 304 -29.92 -28.22 24.60
CA GLU B 304 -29.94 -27.69 23.24
C GLU B 304 -28.54 -27.59 22.63
N LEU B 305 -27.62 -28.49 22.99
CA LEU B 305 -26.24 -28.36 22.53
C LEU B 305 -26.01 -29.05 21.18
N ASP B 306 -26.95 -29.88 20.75
CA ASP B 306 -26.73 -30.61 19.52
C ASP B 306 -27.16 -29.81 18.28
N ILE B 307 -27.43 -28.53 18.42
CA ILE B 307 -27.87 -27.74 17.28
C ILE B 307 -26.69 -27.34 16.41
N PRO B 308 -26.92 -27.15 15.08
CA PRO B 308 -25.88 -26.69 14.18
C PRO B 308 -25.59 -25.19 14.34
N MET B 309 -24.35 -24.81 14.05
CA MET B 309 -23.92 -23.43 14.22
C MET B 309 -24.15 -22.66 12.91
N ASP B 310 -25.41 -22.67 12.46
CA ASP B 310 -25.76 -22.16 11.14
C ASP B 310 -26.88 -21.13 11.29
N TYR B 311 -27.45 -20.71 10.15
CA TYR B 311 -28.49 -19.69 10.11
C TYR B 311 -29.85 -20.32 9.85
N SER B 312 -29.99 -21.62 10.17
CA SER B 312 -31.27 -22.31 10.04
C SER B 312 -32.19 -21.93 11.20
N PRO B 313 -33.52 -22.13 11.03
CA PRO B 313 -34.48 -21.88 12.11
C PRO B 313 -34.17 -22.59 13.43
N LEU B 314 -33.64 -23.81 13.37
CA LEU B 314 -33.32 -24.57 14.58
C LEU B 314 -31.83 -24.45 14.93
N GLY B 315 -31.08 -23.64 14.19
CA GLY B 315 -29.67 -23.49 14.41
C GLY B 315 -29.37 -22.39 15.43
N PHE B 316 -28.07 -22.22 15.69
CA PHE B 316 -27.63 -21.28 16.70
C PHE B 316 -27.92 -19.84 16.26
N GLY B 317 -27.60 -19.55 15.00
CA GLY B 317 -27.80 -18.22 14.44
C GLY B 317 -26.95 -17.13 15.12
N GLY B 318 -27.52 -15.91 15.18
CA GLY B 318 -26.80 -14.71 15.59
C GLY B 318 -25.47 -14.52 14.86
N THR B 319 -24.43 -14.22 15.66
CA THR B 319 -23.10 -14.02 15.13
C THR B 319 -22.19 -15.21 15.46
N GLY B 320 -22.77 -16.29 16.00
CA GLY B 320 -22.02 -17.44 16.49
C GLY B 320 -21.25 -17.16 17.78
N THR B 321 -21.73 -16.18 18.57
CA THR B 321 -21.09 -15.83 19.82
C THR B 321 -21.51 -16.83 20.90
N VAL B 322 -20.52 -17.46 21.55
CA VAL B 322 -20.76 -18.54 22.48
C VAL B 322 -20.19 -18.17 23.84
N ILE B 323 -21.08 -17.83 24.78
CA ILE B 323 -20.71 -17.59 26.17
C ILE B 323 -21.20 -18.77 26.99
N VAL B 324 -20.26 -19.50 27.61
CA VAL B 324 -20.59 -20.72 28.33
C VAL B 324 -20.71 -20.43 29.84
N LEU B 325 -21.86 -20.80 30.41
CA LEU B 325 -22.10 -20.83 31.85
C LEU B 325 -22.17 -22.28 32.32
N THR B 326 -21.60 -22.55 33.50
CA THR B 326 -21.65 -23.90 34.06
C THR B 326 -22.52 -23.94 35.32
N GLU B 327 -22.56 -25.14 35.91
CA GLU B 327 -23.63 -25.55 36.81
C GLU B 327 -23.72 -24.68 38.06
N GLU B 328 -22.63 -24.01 38.47
CA GLU B 328 -22.70 -23.16 39.65
C GLU B 328 -22.95 -21.68 39.31
N ASP B 329 -23.07 -21.32 38.01
CA ASP B 329 -23.30 -19.93 37.65
C ASP B 329 -24.78 -19.58 37.84
N ASP B 330 -25.04 -18.50 38.58
CA ASP B 330 -26.40 -18.10 38.91
C ASP B 330 -27.06 -17.46 37.67
N ILE B 331 -28.18 -18.02 37.20
CA ILE B 331 -28.79 -17.56 35.96
C ILE B 331 -29.39 -16.16 36.16
N VAL B 332 -29.88 -15.89 37.36
CA VAL B 332 -30.53 -14.61 37.61
C VAL B 332 -29.48 -13.49 37.64
N GLU B 333 -28.32 -13.76 38.24
CA GLU B 333 -27.21 -12.84 38.22
C GLU B 333 -26.76 -12.55 36.79
N ALA B 334 -26.72 -13.61 35.93
CA ALA B 334 -26.33 -13.49 34.54
C ALA B 334 -27.36 -12.65 33.79
N ALA B 335 -28.66 -12.93 34.04
CA ALA B 335 -29.74 -12.16 33.43
C ALA B 335 -29.63 -10.68 33.79
N LEU B 336 -29.30 -10.37 35.04
CA LEU B 336 -29.13 -8.98 35.47
C LEU B 336 -28.06 -8.28 34.64
N LYS B 337 -26.94 -8.99 34.35
CA LYS B 337 -25.90 -8.36 33.54
C LYS B 337 -26.42 -8.07 32.12
N ILE B 338 -27.26 -8.96 31.57
CA ILE B 338 -27.82 -8.71 30.26
C ILE B 338 -28.78 -7.52 30.32
N ALA B 339 -29.60 -7.44 31.37
CA ALA B 339 -30.51 -6.31 31.54
C ALA B 339 -29.74 -5.00 31.63
N GLU B 340 -28.60 -5.04 32.32
CA GLU B 340 -27.82 -3.83 32.54
C GLU B 340 -27.27 -3.33 31.20
N PHE B 341 -26.86 -4.27 30.33
CA PHE B 341 -26.41 -3.91 28.99
C PHE B 341 -27.47 -3.12 28.24
N TYR B 342 -28.68 -3.66 28.14
CA TYR B 342 -29.73 -2.97 27.37
C TYR B 342 -30.10 -1.63 28.02
N GLU B 343 -30.11 -1.56 29.36
CA GLU B 343 -30.34 -0.32 30.07
C GLU B 343 -29.35 0.74 29.60
N HIS B 344 -28.08 0.34 29.45
CA HIS B 344 -27.00 1.24 29.11
C HIS B 344 -27.02 1.64 27.63
N GLU B 345 -27.69 0.87 26.77
CA GLU B 345 -27.50 1.07 25.33
C GLU B 345 -28.75 1.55 24.57
N THR B 346 -29.95 1.48 25.18
CA THR B 346 -31.10 2.06 24.48
C THR B 346 -30.81 3.52 24.13
N CYS B 347 -31.19 3.94 22.92
CA CYS B 347 -30.97 5.32 22.52
C CYS B 347 -32.07 6.27 22.99
N GLY B 348 -33.22 5.73 23.42
CA GLY B 348 -34.27 6.50 24.07
C GLY B 348 -35.31 7.13 23.15
N GLN B 349 -35.21 6.93 21.82
CA GLN B 349 -36.15 7.53 20.88
C GLN B 349 -37.56 6.97 21.06
N CYS B 350 -37.65 5.68 21.41
CA CYS B 350 -38.92 4.98 21.48
C CYS B 350 -39.27 4.79 22.96
N THR B 351 -40.52 5.07 23.32
CA THR B 351 -40.91 5.11 24.73
C THR B 351 -40.82 3.73 25.37
N PRO B 352 -41.46 2.65 24.86
CA PRO B 352 -41.37 1.36 25.52
C PRO B 352 -39.94 0.85 25.64
N CYS B 353 -39.09 1.09 24.64
CA CYS B 353 -37.69 0.72 24.74
C CYS B 353 -36.98 1.55 25.82
N ARG B 354 -37.15 2.87 25.79
CA ARG B 354 -36.49 3.74 26.74
C ARG B 354 -36.82 3.35 28.18
N VAL B 355 -38.12 3.25 28.47
N VAL B 355 -38.13 3.25 28.45
CA VAL B 355 -38.57 3.02 29.83
CA VAL B 355 -38.59 3.02 29.81
C VAL B 355 -38.40 1.54 30.18
C VAL B 355 -38.42 1.55 30.18
N GLY B 356 -38.64 0.67 29.21
CA GLY B 356 -38.57 -0.78 29.43
C GLY B 356 -37.16 -1.28 29.73
N CYS B 357 -36.17 -0.81 28.95
CA CYS B 357 -34.80 -1.24 29.23
C CYS B 357 -34.35 -0.76 30.62
N TYR B 358 -34.73 0.47 30.99
CA TYR B 358 -34.39 0.98 32.30
C TYR B 358 -35.09 0.16 33.39
N GLU B 359 -36.43 -0.03 33.27
CA GLU B 359 -37.19 -0.69 34.33
C GLU B 359 -36.82 -2.17 34.44
N GLN B 360 -36.57 -2.84 33.32
CA GLN B 360 -36.17 -4.23 33.36
C GLN B 360 -34.94 -4.38 34.26
N ALA B 361 -33.93 -3.52 34.05
CA ALA B 361 -32.71 -3.61 34.88
C ALA B 361 -32.93 -3.15 36.33
N ASN B 362 -33.69 -2.05 36.53
CA ASN B 362 -33.99 -1.51 37.85
C ASN B 362 -34.68 -2.55 38.73
N LEU B 363 -35.71 -3.20 38.17
CA LEU B 363 -36.49 -4.16 38.91
C LEU B 363 -35.71 -5.47 39.09
N LEU B 364 -34.97 -5.90 38.07
CA LEU B 364 -34.24 -7.15 38.18
C LEU B 364 -33.13 -7.03 39.24
N GLU B 365 -32.54 -5.84 39.37
CA GLU B 365 -31.61 -5.58 40.45
C GLU B 365 -32.26 -5.76 41.82
N LYS B 366 -33.49 -5.22 41.98
CA LYS B 366 -34.23 -5.36 43.22
C LYS B 366 -34.45 -6.84 43.52
N ILE B 367 -34.89 -7.60 42.52
CA ILE B 367 -35.12 -9.03 42.65
C ILE B 367 -33.83 -9.75 43.08
N TYR B 368 -32.73 -9.47 42.37
CA TYR B 368 -31.47 -10.11 42.67
C TYR B 368 -31.03 -9.84 44.11
N LYS B 369 -31.24 -8.61 44.59
CA LYS B 369 -30.78 -8.22 45.92
C LYS B 369 -31.79 -8.56 47.02
N GLY B 370 -32.89 -9.25 46.68
CA GLY B 370 -33.88 -9.65 47.66
C GLY B 370 -34.70 -8.49 48.22
N GLU B 371 -34.81 -7.39 47.46
CA GLU B 371 -35.52 -6.19 47.88
C GLU B 371 -36.80 -5.96 47.08
N ALA B 372 -37.21 -6.90 46.23
CA ALA B 372 -38.36 -6.69 45.36
C ALA B 372 -39.65 -6.99 46.12
N THR B 373 -40.64 -6.10 45.98
CA THR B 373 -42.00 -6.37 46.40
C THR B 373 -42.70 -7.30 45.40
N GLU B 374 -43.90 -7.76 45.78
CA GLU B 374 -44.74 -8.52 44.88
C GLU B 374 -45.05 -7.71 43.62
N GLN B 375 -45.32 -6.40 43.79
N GLN B 375 -45.32 -6.41 43.80
CA GLN B 375 -45.58 -5.56 42.63
CA GLN B 375 -45.56 -5.53 42.67
C GLN B 375 -44.34 -5.43 41.74
C GLN B 375 -44.35 -5.43 41.75
N ASP B 376 -43.15 -5.36 42.33
CA ASP B 376 -41.92 -5.30 41.56
C ASP B 376 -41.74 -6.57 40.70
N TRP B 377 -42.05 -7.74 41.29
CA TRP B 377 -42.00 -8.99 40.53
C TRP B 377 -42.97 -8.96 39.35
N GLU B 378 -44.22 -8.57 39.63
CA GLU B 378 -45.23 -8.55 38.58
C GLU B 378 -44.88 -7.49 37.54
N GLY B 379 -44.34 -6.35 38.00
CA GLY B 379 -43.89 -5.28 37.11
C GLY B 379 -42.77 -5.73 36.16
N PHE B 380 -41.79 -6.46 36.73
CA PHE B 380 -40.67 -6.99 35.98
C PHE B 380 -41.14 -7.89 34.83
N ASP B 381 -42.07 -8.81 35.15
CA ASP B 381 -42.64 -9.71 34.15
C ASP B 381 -43.31 -8.90 33.03
N PHE B 382 -44.10 -7.90 33.42
CA PHE B 382 -44.83 -7.09 32.46
C PHE B 382 -43.85 -6.30 31.59
N VAL B 383 -42.87 -5.65 32.21
CA VAL B 383 -41.92 -4.83 31.47
C VAL B 383 -41.16 -5.66 30.45
N ASN B 384 -40.66 -6.81 30.89
CA ASN B 384 -39.89 -7.69 30.03
C ASN B 384 -40.66 -8.03 28.76
N ARG B 385 -41.99 -8.12 28.87
CA ARG B 385 -42.83 -8.51 27.74
C ARG B 385 -43.22 -7.29 26.88
N ASN B 386 -42.86 -6.06 27.30
CA ASN B 386 -43.43 -4.86 26.70
C ASN B 386 -42.35 -3.83 26.34
N ILE B 387 -41.14 -4.28 25.99
CA ILE B 387 -40.08 -3.38 25.53
C ILE B 387 -40.22 -3.11 24.04
N GLN B 388 -40.69 -4.11 23.28
CA GLN B 388 -40.71 -4.08 21.84
C GLN B 388 -41.74 -3.11 21.24
N PRO B 389 -42.96 -2.89 21.79
CA PRO B 389 -43.96 -2.14 21.04
C PRO B 389 -43.49 -0.76 20.60
N THR B 390 -43.76 -0.45 19.32
CA THR B 390 -43.44 0.82 18.66
C THR B 390 -41.95 0.98 18.37
N SER B 391 -41.11 0.01 18.76
CA SER B 391 -39.68 0.10 18.52
C SER B 391 -39.36 0.29 17.03
N ILE B 392 -38.40 1.17 16.72
CA ILE B 392 -38.01 1.31 15.32
C ILE B 392 -36.74 0.54 14.96
N CYS B 393 -36.03 -0.07 15.94
CA CYS B 393 -34.85 -0.86 15.58
C CYS B 393 -34.82 -2.15 16.39
N GLY B 394 -33.86 -3.00 16.03
CA GLY B 394 -33.78 -4.35 16.60
C GLY B 394 -33.53 -4.39 18.09
N LEU B 395 -32.94 -3.32 18.68
CA LEU B 395 -32.57 -3.37 20.08
C LEU B 395 -33.85 -3.54 20.92
N GLY B 396 -34.85 -2.70 20.69
CA GLY B 396 -36.10 -2.81 21.44
C GLY B 396 -36.82 -4.14 21.21
N ALA B 397 -36.64 -4.71 20.02
CA ALA B 397 -37.25 -5.98 19.68
C ALA B 397 -36.64 -7.13 20.47
N VAL B 398 -35.38 -7.02 20.91
CA VAL B 398 -34.69 -8.14 21.53
C VAL B 398 -34.26 -7.88 22.97
N ALA B 399 -34.49 -6.68 23.52
CA ALA B 399 -33.99 -6.38 24.85
C ALA B 399 -34.53 -7.32 25.94
N GLY B 400 -35.74 -7.91 25.73
CA GLY B 400 -36.32 -8.83 26.68
C GLY B 400 -36.13 -10.32 26.34
N ARG B 401 -35.48 -10.62 25.21
CA ARG B 401 -35.57 -11.95 24.60
C ARG B 401 -34.81 -13.00 25.43
N LEU B 402 -33.53 -12.78 25.63
CA LEU B 402 -32.69 -13.72 26.39
C LEU B 402 -33.28 -13.90 27.78
N ILE B 403 -33.65 -12.79 28.43
CA ILE B 403 -34.13 -12.89 29.81
C ILE B 403 -35.41 -13.73 29.87
N ARG B 404 -36.33 -13.52 28.90
CA ARG B 404 -37.54 -14.33 28.82
C ARG B 404 -37.18 -15.81 28.65
N GLN B 405 -36.18 -16.11 27.82
CA GLN B 405 -35.76 -17.48 27.65
C GLN B 405 -35.27 -18.06 28.99
N THR B 406 -34.53 -17.28 29.79
CA THR B 406 -34.10 -17.79 31.09
C THR B 406 -35.29 -18.05 32.02
N LEU B 407 -36.34 -17.22 31.92
CA LEU B 407 -37.51 -17.39 32.78
C LEU B 407 -38.21 -18.70 32.39
N GLU B 408 -38.17 -19.06 31.11
CA GLU B 408 -38.85 -20.25 30.62
C GLU B 408 -38.02 -21.52 30.85
N LYS B 409 -36.70 -21.41 30.75
CA LYS B 409 -35.82 -22.57 30.75
C LYS B 409 -35.25 -22.88 32.14
N PHE B 410 -35.21 -21.87 33.02
CA PHE B 410 -34.68 -22.03 34.37
C PHE B 410 -35.67 -21.53 35.41
N PRO B 411 -36.95 -21.99 35.37
CA PRO B 411 -37.96 -21.49 36.30
C PRO B 411 -37.58 -21.74 37.76
N GLU B 412 -36.88 -22.86 38.02
CA GLU B 412 -36.56 -23.25 39.39
C GLU B 412 -35.65 -22.22 40.03
N GLU B 413 -34.67 -21.71 39.28
CA GLU B 413 -33.75 -20.73 39.82
C GLU B 413 -34.45 -19.40 40.12
N TRP B 414 -35.29 -18.95 39.18
CA TRP B 414 -36.08 -17.74 39.38
C TRP B 414 -36.98 -17.87 40.60
N GLU B 415 -37.60 -19.04 40.75
CA GLU B 415 -38.55 -19.26 41.83
C GLU B 415 -37.86 -19.13 43.18
N LYS B 416 -36.58 -19.49 43.28
CA LYS B 416 -35.82 -19.32 44.52
C LYS B 416 -35.67 -17.84 44.89
N TYR B 417 -35.57 -16.95 43.89
CA TYR B 417 -35.56 -15.53 44.17
C TYR B 417 -36.94 -15.00 44.56
N ARG B 418 -38.01 -15.69 44.12
CA ARG B 418 -39.36 -15.30 44.47
C ARG B 418 -39.63 -15.58 45.95
N LYS B 419 -39.19 -16.74 46.44
CA LYS B 419 -39.37 -17.13 47.84
C LYS B 419 -38.85 -16.00 48.74
N LYS B 420 -37.60 -15.57 48.52
CA LYS B 420 -37.08 -14.34 49.11
C LYS B 420 -37.52 -13.15 48.23
N PHE C 6 10.70 -15.07 -48.52
CA PHE C 6 10.06 -14.58 -47.26
C PHE C 6 9.48 -13.19 -47.47
N GLU C 7 8.25 -13.02 -46.99
CA GLU C 7 7.51 -11.78 -47.16
C GLU C 7 6.77 -11.48 -45.87
N PHE C 8 6.86 -10.22 -45.42
CA PHE C 8 6.11 -9.74 -44.27
C PHE C 8 4.62 -9.77 -44.58
N PRO C 9 3.75 -10.34 -43.71
CA PRO C 9 2.31 -10.21 -43.90
C PRO C 9 1.90 -8.74 -43.83
N GLU C 10 0.79 -8.42 -44.51
CA GLU C 10 0.43 -7.04 -44.79
C GLU C 10 0.29 -6.24 -43.50
N GLU C 11 -0.35 -6.83 -42.48
CA GLU C 11 -0.62 -6.11 -41.25
C GLU C 11 0.68 -5.73 -40.56
N LEU C 12 1.68 -6.60 -40.63
CA LEU C 12 2.98 -6.29 -40.04
C LEU C 12 3.71 -5.30 -40.93
N LYS C 13 3.68 -5.53 -42.25
CA LYS C 13 4.34 -4.64 -43.20
C LYS C 13 3.83 -3.20 -43.05
N THR C 14 2.54 -3.04 -42.75
CA THR C 14 1.96 -1.72 -42.52
C THR C 14 2.55 -1.07 -41.27
N LYS C 15 2.63 -1.80 -40.15
CA LYS C 15 3.21 -1.29 -38.92
C LYS C 15 4.68 -0.90 -39.12
N LEU C 16 5.45 -1.73 -39.83
CA LEU C 16 6.83 -1.41 -40.15
C LEU C 16 6.89 -0.10 -40.94
N GLN C 17 6.03 0.06 -41.94
CA GLN C 17 6.02 1.28 -42.75
C GLN C 17 5.72 2.51 -41.87
N GLU C 18 4.84 2.38 -40.87
CA GLU C 18 4.52 3.48 -39.99
C GLU C 18 5.78 3.94 -39.23
N HIS C 19 6.54 2.98 -38.70
CA HIS C 19 7.79 3.31 -38.03
C HIS C 19 8.75 4.00 -38.98
N ILE C 20 8.88 3.46 -40.21
CA ILE C 20 9.85 3.97 -41.16
C ILE C 20 9.50 5.41 -41.55
N ASN C 21 8.20 5.74 -41.60
CA ASN C 21 7.70 7.06 -41.94
C ASN C 21 7.74 8.04 -40.75
N TYR C 22 7.96 7.52 -39.53
CA TYR C 22 7.81 8.29 -38.29
C TYR C 22 8.95 9.30 -38.11
N PHE C 23 10.20 8.85 -38.18
CA PHE C 23 11.35 9.73 -38.00
C PHE C 23 11.66 10.46 -39.30
N PRO C 24 12.45 11.56 -39.25
CA PRO C 24 12.86 12.25 -40.48
C PRO C 24 13.61 11.37 -41.49
N LYS C 25 14.47 10.44 -41.00
CA LYS C 25 15.20 9.55 -41.90
C LYS C 25 14.79 8.11 -41.64
N LYS C 26 14.65 7.32 -42.73
CA LYS C 26 14.11 5.97 -42.62
C LYS C 26 14.94 5.10 -41.69
N ARG C 27 16.27 5.22 -41.79
CA ARG C 27 17.16 4.32 -41.07
C ARG C 27 17.08 4.50 -39.56
N GLN C 28 16.52 5.63 -39.07
CA GLN C 28 16.36 5.83 -37.65
C GLN C 28 15.36 4.86 -37.04
N ALA C 29 14.50 4.25 -37.89
CA ALA C 29 13.43 3.37 -37.44
C ALA C 29 13.89 1.92 -37.21
N ILE C 30 15.18 1.63 -37.37
CA ILE C 30 15.66 0.25 -37.36
C ILE C 30 15.27 -0.52 -36.08
N LEU C 31 15.46 0.10 -34.90
CA LEU C 31 15.17 -0.58 -33.64
C LEU C 31 13.67 -0.75 -33.44
N LEU C 32 12.86 0.28 -33.76
CA LEU C 32 11.41 0.12 -33.65
C LEU C 32 10.94 -1.02 -34.55
N CYS C 33 11.52 -1.13 -35.75
CA CYS C 33 11.15 -2.20 -36.67
C CYS C 33 11.51 -3.58 -36.11
N LEU C 34 12.72 -3.71 -35.56
CA LEU C 34 13.15 -4.99 -35.02
C LEU C 34 12.30 -5.40 -33.80
N HIS C 35 11.91 -4.45 -32.95
CA HIS C 35 11.01 -4.73 -31.84
C HIS C 35 9.68 -5.25 -32.39
N GLU C 36 9.20 -4.62 -33.47
CA GLU C 36 7.91 -5.00 -34.03
C GLU C 36 7.98 -6.42 -34.57
N ILE C 37 9.07 -6.75 -35.29
CA ILE C 37 9.25 -8.09 -35.85
C ILE C 37 9.30 -9.12 -34.72
N GLN C 38 10.06 -8.83 -33.65
CA GLN C 38 10.17 -9.76 -32.54
C GLN C 38 8.81 -9.94 -31.85
N ASN C 39 8.07 -8.84 -31.67
CA ASN C 39 6.75 -8.89 -31.08
C ASN C 39 5.86 -9.84 -31.90
N TYR C 40 5.97 -9.75 -33.23
CA TYR C 40 5.09 -10.48 -34.13
C TYR C 40 5.40 -11.98 -34.17
N TYR C 41 6.69 -12.33 -34.26
CA TYR C 41 7.11 -13.69 -34.55
C TYR C 41 7.53 -14.46 -33.29
N GLY C 42 7.80 -13.76 -32.18
CA GLY C 42 8.33 -14.38 -30.99
C GLY C 42 9.86 -14.51 -31.01
N TYR C 43 10.50 -13.90 -32.01
CA TYR C 43 11.95 -13.87 -32.19
C TYR C 43 12.20 -13.06 -33.47
N ILE C 44 13.48 -12.91 -33.86
CA ILE C 44 13.80 -12.27 -35.13
C ILE C 44 14.12 -13.35 -36.15
N PRO C 45 13.24 -13.65 -37.12
CA PRO C 45 13.56 -14.64 -38.15
C PRO C 45 14.78 -14.13 -38.94
N PRO C 46 15.87 -14.92 -39.09
CA PRO C 46 16.99 -14.52 -39.95
C PRO C 46 16.57 -14.08 -41.35
N GLU C 47 15.51 -14.70 -41.92
CA GLU C 47 15.04 -14.39 -43.28
C GLU C 47 14.32 -13.05 -43.35
N SER C 48 13.93 -12.48 -42.20
CA SER C 48 13.21 -11.22 -42.18
C SER C 48 14.14 -10.05 -42.47
N LEU C 49 15.46 -10.24 -42.36
CA LEU C 49 16.39 -9.12 -42.32
C LEU C 49 16.62 -8.54 -43.73
N LYS C 50 16.58 -9.41 -44.76
CA LYS C 50 16.91 -8.98 -46.13
C LYS C 50 15.78 -8.08 -46.83
N PRO C 51 14.49 -8.44 -46.61
CA PRO C 51 13.34 -7.50 -46.80
C PRO C 51 13.31 -6.26 -45.86
N LEU C 52 13.73 -6.37 -44.57
CA LEU C 52 13.77 -5.20 -43.67
C LEU C 52 14.85 -4.22 -44.15
N ALA C 53 16.03 -4.72 -44.50
CA ALA C 53 17.10 -3.87 -44.98
C ALA C 53 16.61 -3.08 -46.20
N ASP C 54 15.87 -3.75 -47.09
CA ASP C 54 15.30 -3.12 -48.28
C ASP C 54 14.40 -1.94 -47.92
N MET C 55 13.52 -2.13 -46.94
CA MET C 55 12.60 -1.08 -46.48
C MET C 55 13.35 0.10 -45.85
N LEU C 56 14.49 -0.16 -45.19
CA LEU C 56 15.25 0.87 -44.49
C LEU C 56 16.25 1.55 -45.42
N GLU C 57 16.41 1.00 -46.63
CA GLU C 57 17.43 1.40 -47.59
C GLU C 57 18.82 1.30 -46.95
N LEU C 58 19.07 0.17 -46.28
CA LEU C 58 20.34 -0.12 -45.64
C LEU C 58 20.90 -1.43 -46.20
N PRO C 59 22.23 -1.62 -46.18
CA PRO C 59 22.81 -2.92 -46.54
C PRO C 59 22.41 -3.98 -45.50
N LEU C 60 22.30 -5.24 -45.95
CA LEU C 60 21.91 -6.33 -45.08
C LEU C 60 22.90 -6.47 -43.93
N ASN C 61 24.20 -6.32 -44.22
CA ASN C 61 25.20 -6.55 -43.17
C ASN C 61 25.06 -5.48 -42.07
N HIS C 62 24.61 -4.27 -42.42
CA HIS C 62 24.32 -3.25 -41.42
C HIS C 62 23.25 -3.77 -40.45
N VAL C 63 22.15 -4.28 -41.01
CA VAL C 63 21.02 -4.76 -40.21
C VAL C 63 21.44 -5.96 -39.34
N GLU C 64 22.15 -6.91 -39.93
CA GLU C 64 22.65 -8.05 -39.18
C GLU C 64 23.51 -7.57 -38.01
N GLY C 65 24.38 -6.60 -38.26
CA GLY C 65 25.26 -6.09 -37.21
C GLY C 65 24.49 -5.47 -36.04
N VAL C 66 23.41 -4.77 -36.36
CA VAL C 66 22.56 -4.16 -35.35
C VAL C 66 21.82 -5.24 -34.55
N VAL C 67 21.29 -6.28 -35.22
CA VAL C 67 20.59 -7.32 -34.49
C VAL C 67 21.55 -7.97 -33.48
N ALA C 68 22.80 -8.21 -33.91
CA ALA C 68 23.79 -8.91 -33.08
C ALA C 68 24.17 -8.07 -31.87
N PHE C 69 24.23 -6.74 -32.05
CA PHE C 69 24.70 -5.83 -31.02
C PHE C 69 23.72 -5.70 -29.84
N TYR C 70 22.42 -5.63 -30.15
CA TYR C 70 21.38 -5.23 -29.21
C TYR C 70 20.80 -6.48 -28.54
N ASP C 71 21.02 -6.58 -27.21
CA ASP C 71 20.77 -7.80 -26.44
C ASP C 71 19.28 -8.19 -26.37
N MET C 72 18.35 -7.23 -26.50
CA MET C 72 16.94 -7.61 -26.44
C MET C 72 16.52 -8.53 -27.58
N PHE C 73 17.25 -8.51 -28.71
CA PHE C 73 16.84 -9.28 -29.88
C PHE C 73 17.41 -10.70 -29.84
N ASP C 74 16.58 -11.65 -30.28
CA ASP C 74 16.85 -13.08 -30.25
C ASP C 74 16.55 -13.68 -31.62
N ARG C 75 17.57 -14.21 -32.32
CA ARG C 75 17.38 -14.85 -33.62
C ARG C 75 17.29 -16.37 -33.54
N GLU C 76 17.41 -16.93 -32.33
CA GLU C 76 17.59 -18.36 -32.13
C GLU C 76 16.29 -19.03 -31.71
N ASP C 77 15.63 -18.49 -30.66
CA ASP C 77 14.53 -19.18 -30.02
C ASP C 77 13.23 -18.39 -30.13
N LYS C 78 12.20 -19.07 -30.66
CA LYS C 78 10.86 -18.52 -30.67
C LYS C 78 10.22 -18.78 -29.30
N ALA C 79 9.58 -17.75 -28.74
CA ALA C 79 8.85 -17.93 -27.50
C ALA C 79 7.70 -16.94 -27.46
N LYS C 80 6.51 -17.41 -27.10
CA LYS C 80 5.36 -16.52 -27.01
C LYS C 80 5.57 -15.47 -25.92
N TYR C 81 6.14 -15.88 -24.78
CA TYR C 81 6.31 -15.03 -23.63
C TYR C 81 7.75 -15.09 -23.15
N ARG C 82 8.44 -13.95 -23.14
N ARG C 82 8.44 -13.94 -23.16
CA ARG C 82 9.79 -13.87 -22.59
CA ARG C 82 9.78 -13.86 -22.58
C ARG C 82 9.74 -13.42 -21.13
C ARG C 82 9.68 -13.45 -21.11
N ILE C 83 10.21 -14.29 -20.22
CA ILE C 83 10.30 -13.96 -18.81
C ILE C 83 11.72 -13.43 -18.56
N ARG C 84 11.84 -12.10 -18.51
CA ARG C 84 13.13 -11.45 -18.28
C ARG C 84 13.35 -11.36 -16.77
N VAL C 85 14.41 -12.02 -16.30
CA VAL C 85 14.73 -12.02 -14.89
C VAL C 85 16.01 -11.21 -14.65
N CYS C 86 15.91 -10.18 -13.80
CA CYS C 86 17.08 -9.40 -13.48
C CYS C 86 18.06 -10.19 -12.62
N VAL C 87 19.31 -10.25 -13.10
CA VAL C 87 20.41 -10.90 -12.39
C VAL C 87 21.46 -9.92 -11.85
N SER C 88 21.16 -8.61 -11.85
CA SER C 88 22.14 -7.62 -11.40
C SER C 88 22.13 -7.51 -9.87
N ILE C 89 22.99 -6.64 -9.34
CA ILE C 89 23.35 -6.61 -7.94
C ILE C 89 22.12 -6.58 -7.00
N VAL C 90 21.21 -5.62 -7.20
CA VAL C 90 20.18 -5.43 -6.18
C VAL C 90 19.23 -6.63 -6.14
N CYS C 91 18.81 -7.08 -7.32
CA CYS C 91 17.93 -8.24 -7.37
C CYS C 91 18.65 -9.47 -6.83
N HIS C 92 19.97 -9.58 -7.06
CA HIS C 92 20.72 -10.71 -6.55
C HIS C 92 20.64 -10.71 -5.01
N LEU C 93 20.94 -9.56 -4.41
CA LEU C 93 20.89 -9.35 -2.96
C LEU C 93 19.52 -9.69 -2.39
N MET C 94 18.45 -9.38 -3.14
CA MET C 94 17.11 -9.40 -2.59
C MET C 94 16.34 -10.66 -3.00
N GLY C 95 16.89 -11.53 -3.86
CA GLY C 95 16.28 -12.84 -4.06
C GLY C 95 16.13 -13.33 -5.50
N THR C 96 16.99 -12.91 -6.44
CA THR C 96 16.96 -13.48 -7.78
C THR C 96 16.90 -15.01 -7.74
N ASN C 97 17.71 -15.63 -6.89
CA ASN C 97 17.83 -17.08 -6.87
C ASN C 97 16.52 -17.72 -6.42
N LYS C 98 15.76 -17.08 -5.53
CA LYS C 98 14.45 -17.58 -5.12
C LYS C 98 13.46 -17.52 -6.27
N LEU C 99 13.52 -16.43 -7.05
CA LEU C 99 12.66 -16.27 -8.21
C LEU C 99 12.98 -17.36 -9.23
N LEU C 100 14.27 -17.59 -9.50
CA LEU C 100 14.66 -18.62 -10.47
C LEU C 100 14.22 -20.01 -10.01
N LYS C 101 14.34 -20.29 -8.70
CA LYS C 101 13.92 -21.58 -8.19
C LYS C 101 12.42 -21.75 -8.35
N ALA C 102 11.64 -20.70 -8.07
CA ALA C 102 10.19 -20.72 -8.25
C ALA C 102 9.82 -20.99 -9.72
N LEU C 103 10.52 -20.33 -10.65
CA LEU C 103 10.25 -20.51 -12.08
C LEU C 103 10.57 -21.94 -12.50
N GLU C 104 11.66 -22.50 -11.97
CA GLU C 104 11.98 -23.87 -12.30
C GLU C 104 10.93 -24.82 -11.71
N ASN C 105 10.46 -24.54 -10.49
CA ASN C 105 9.41 -25.37 -9.89
C ASN C 105 8.13 -25.33 -10.71
N ILE C 106 7.77 -24.15 -11.24
CA ILE C 106 6.51 -23.99 -11.94
C ILE C 106 6.62 -24.47 -13.40
N LEU C 107 7.71 -24.09 -14.09
CA LEU C 107 7.81 -24.17 -15.54
C LEU C 107 8.74 -25.30 -16.00
N GLY C 108 9.65 -25.74 -15.13
CA GLY C 108 10.53 -26.86 -15.44
C GLY C 108 11.76 -26.45 -16.27
N ILE C 109 12.01 -25.13 -16.36
CA ILE C 109 13.12 -24.60 -17.14
C ILE C 109 14.01 -23.67 -16.31
N LYS C 110 15.23 -23.45 -16.84
CA LYS C 110 16.25 -22.60 -16.25
C LYS C 110 16.58 -21.45 -17.21
N PRO C 111 17.32 -20.40 -16.78
CA PRO C 111 17.67 -19.29 -17.66
C PRO C 111 18.26 -19.79 -18.98
N GLY C 112 17.82 -19.14 -20.07
CA GLY C 112 18.26 -19.47 -21.41
C GLY C 112 17.39 -20.54 -22.07
N GLU C 113 16.52 -21.22 -21.30
CA GLU C 113 15.74 -22.33 -21.84
C GLU C 113 14.34 -21.88 -22.23
N VAL C 114 13.73 -22.64 -23.16
CA VAL C 114 12.35 -22.48 -23.58
C VAL C 114 11.56 -23.74 -23.21
N THR C 115 10.33 -23.57 -22.70
CA THR C 115 9.45 -24.70 -22.44
C THR C 115 9.23 -25.46 -23.75
N PRO C 116 8.98 -26.78 -23.71
CA PRO C 116 8.81 -27.59 -24.92
C PRO C 116 7.68 -27.16 -25.85
N ASP C 117 6.66 -26.48 -25.30
CA ASP C 117 5.53 -25.98 -26.07
C ASP C 117 5.84 -24.62 -26.71
N GLY C 118 7.02 -24.06 -26.44
CA GLY C 118 7.43 -22.79 -27.01
C GLY C 118 6.74 -21.59 -26.34
N LYS C 119 6.16 -21.80 -25.16
CA LYS C 119 5.33 -20.78 -24.54
C LYS C 119 6.17 -19.77 -23.76
N PHE C 120 7.11 -20.25 -22.93
CA PHE C 120 7.90 -19.39 -22.07
C PHE C 120 9.40 -19.59 -22.31
N LYS C 121 10.14 -18.49 -22.39
CA LYS C 121 11.60 -18.52 -22.30
C LYS C 121 12.05 -17.67 -21.12
N ILE C 122 12.98 -18.19 -20.31
CA ILE C 122 13.58 -17.38 -19.27
C ILE C 122 14.83 -16.72 -19.85
N VAL C 123 14.86 -15.39 -19.74
CA VAL C 123 15.95 -14.57 -20.26
C VAL C 123 16.60 -13.84 -19.10
N PRO C 124 17.86 -14.16 -18.74
CA PRO C 124 18.54 -13.39 -17.70
C PRO C 124 18.92 -12.04 -18.32
N VAL C 125 18.61 -10.96 -17.59
CA VAL C 125 18.90 -9.60 -18.04
C VAL C 125 19.63 -8.82 -16.94
N GLN C 126 20.27 -7.72 -17.36
CA GLN C 126 20.87 -6.76 -16.47
C GLN C 126 19.77 -5.89 -15.86
N CYS C 127 20.15 -5.07 -14.87
CA CYS C 127 19.25 -4.21 -14.11
C CYS C 127 18.12 -3.63 -14.97
N LEU C 128 16.87 -3.85 -14.53
CA LEU C 128 15.68 -3.40 -15.20
C LEU C 128 15.20 -2.03 -14.74
N GLY C 129 15.95 -1.35 -13.86
CA GLY C 129 15.50 -0.05 -13.43
C GLY C 129 14.25 -0.10 -12.55
N ALA C 130 14.16 -1.11 -11.68
CA ALA C 130 13.07 -1.15 -10.70
C ALA C 130 13.57 -1.73 -9.37
N CYS C 131 14.78 -1.34 -9.01
CA CYS C 131 15.58 -2.02 -8.00
C CYS C 131 14.92 -1.99 -6.62
N SER C 132 14.15 -0.95 -6.33
CA SER C 132 13.42 -0.90 -5.05
C SER C 132 12.41 -2.04 -4.93
N GLU C 133 11.99 -2.62 -6.08
CA GLU C 133 11.03 -3.73 -6.18
C GLU C 133 11.71 -5.07 -6.42
N ALA C 134 13.02 -5.15 -6.11
CA ALA C 134 13.77 -6.37 -6.31
C ALA C 134 13.16 -7.51 -5.50
N PRO C 135 13.18 -8.76 -6.01
CA PRO C 135 13.67 -9.10 -7.34
C PRO C 135 12.61 -8.91 -8.42
N VAL C 136 13.05 -8.33 -9.54
CA VAL C 136 12.20 -7.91 -10.64
C VAL C 136 12.23 -8.92 -11.79
N PHE C 137 11.04 -9.10 -12.39
CA PHE C 137 10.96 -9.79 -13.66
C PHE C 137 9.94 -9.12 -14.56
N MET C 138 10.08 -9.39 -15.87
CA MET C 138 9.06 -9.04 -16.85
C MET C 138 8.49 -10.29 -17.48
N VAL C 139 7.25 -10.17 -17.95
CA VAL C 139 6.65 -11.14 -18.86
C VAL C 139 6.23 -10.34 -20.09
N ASN C 140 6.95 -10.53 -21.20
CA ASN C 140 6.88 -9.60 -22.33
C ASN C 140 6.99 -8.19 -21.74
N ASP C 141 6.02 -7.31 -22.01
CA ASP C 141 6.16 -5.91 -21.62
C ASP C 141 5.74 -5.66 -20.16
N ASP C 142 5.10 -6.62 -19.50
CA ASP C 142 4.57 -6.41 -18.15
C ASP C 142 5.70 -6.65 -17.14
N GLU C 143 5.79 -5.84 -16.09
CA GLU C 143 6.86 -5.98 -15.14
C GLU C 143 6.30 -6.08 -13.72
N TYR C 144 6.98 -6.89 -12.90
CA TYR C 144 6.48 -7.30 -11.60
C TYR C 144 7.62 -7.44 -10.59
N LYS C 145 7.28 -7.18 -9.33
CA LYS C 145 8.08 -7.67 -8.21
C LYS C 145 7.68 -9.12 -7.88
N PHE C 146 8.70 -9.98 -7.71
CA PHE C 146 8.46 -11.33 -7.24
C PHE C 146 8.31 -11.34 -5.71
N GLU C 147 7.22 -11.92 -5.21
CA GLU C 147 6.98 -12.01 -3.78
C GLU C 147 7.16 -13.45 -3.29
N SER C 148 6.60 -14.43 -4.02
CA SER C 148 6.62 -15.83 -3.61
C SER C 148 6.24 -16.72 -4.79
N GLU C 149 6.42 -18.04 -4.63
CA GLU C 149 6.05 -18.98 -5.67
C GLU C 149 4.53 -18.96 -5.89
N VAL C 150 3.71 -18.92 -4.82
CA VAL C 150 2.26 -18.89 -4.97
C VAL C 150 1.84 -17.66 -5.79
N GLN C 151 2.43 -16.51 -5.48
CA GLN C 151 2.12 -15.27 -6.15
C GLN C 151 2.54 -15.34 -7.63
N LEU C 152 3.71 -15.91 -7.89
CA LEU C 152 4.26 -15.97 -9.23
C LEU C 152 3.42 -16.92 -10.07
N ASN C 153 3.01 -18.04 -9.48
CA ASN C 153 2.21 -19.01 -10.21
C ASN C 153 0.93 -18.36 -10.73
N GLU C 154 0.30 -17.50 -9.91
CA GLU C 154 -0.95 -16.85 -10.27
C GLU C 154 -0.70 -15.81 -11.38
N ILE C 155 0.41 -15.07 -11.27
CA ILE C 155 0.78 -14.12 -12.31
C ILE C 155 0.94 -14.87 -13.65
N LEU C 156 1.71 -15.95 -13.64
CA LEU C 156 2.02 -16.67 -14.87
C LEU C 156 0.75 -17.26 -15.49
N SER C 157 -0.24 -17.63 -14.66
CA SER C 157 -1.47 -18.24 -15.17
C SER C 157 -2.31 -17.26 -16.00
N ARG C 158 -2.01 -15.95 -15.90
CA ARG C 158 -2.66 -14.93 -16.72
C ARG C 158 -2.17 -14.95 -18.17
N TYR C 159 -1.11 -15.71 -18.47
CA TYR C 159 -0.55 -15.77 -19.80
C TYR C 159 -0.85 -17.14 -20.41
N THR C 160 -1.70 -17.15 -21.46
CA THR C 160 -2.22 -18.40 -22.01
C THR C 160 -1.83 -18.57 -23.49
N ARG D 2 -7.00 4.02 -22.42
CA ARG D 2 -5.68 3.62 -22.96
C ARG D 2 -4.92 2.85 -21.89
N SER D 3 -4.85 1.50 -22.01
CA SER D 3 -4.18 0.72 -20.99
C SER D 3 -2.70 0.52 -21.37
N TYR D 4 -1.91 0.35 -20.32
CA TYR D 4 -0.47 0.26 -20.45
C TYR D 4 -0.02 -1.05 -19.81
N PRO D 5 1.20 -1.53 -20.16
CA PRO D 5 1.79 -2.69 -19.49
C PRO D 5 1.92 -2.47 -17.99
N ALA D 6 1.92 -3.58 -17.25
CA ALA D 6 2.06 -3.54 -15.80
C ALA D 6 3.41 -2.94 -15.41
N ILE D 7 3.40 -2.05 -14.41
CA ILE D 7 4.60 -1.44 -13.85
C ILE D 7 4.54 -1.65 -12.34
N PRO D 8 5.61 -2.12 -11.65
CA PRO D 8 5.55 -2.21 -10.20
C PRO D 8 5.43 -0.80 -9.60
N ARG D 9 4.76 -0.73 -8.43
CA ARG D 9 4.45 0.57 -7.84
C ARG D 9 5.57 0.98 -6.88
N ILE D 10 6.57 1.66 -7.42
CA ILE D 10 7.73 2.12 -6.67
C ILE D 10 7.25 3.20 -5.71
N TYR D 11 7.72 3.11 -4.46
CA TYR D 11 7.39 4.10 -3.44
C TYR D 11 8.13 5.39 -3.76
N ALA D 12 7.47 6.53 -3.52
CA ALA D 12 8.06 7.83 -3.82
C ALA D 12 7.62 8.83 -2.74
N GLU D 13 8.58 9.61 -2.24
CA GLU D 13 8.37 10.53 -1.12
C GLU D 13 9.14 11.82 -1.39
N THR D 14 8.54 12.96 -1.04
CA THR D 14 9.16 14.25 -1.32
C THR D 14 9.01 15.19 -0.12
N THR D 15 10.08 15.94 0.17
CA THR D 15 10.03 17.04 1.12
C THR D 15 9.90 18.39 0.42
N LEU D 16 9.95 18.42 -0.91
CA LEU D 16 9.98 19.67 -1.68
C LEU D 16 8.73 19.85 -2.54
N ASN D 17 8.07 18.75 -2.90
CA ASN D 17 6.83 18.76 -3.68
C ASN D 17 7.01 19.45 -5.04
N MET D 18 8.09 19.08 -5.75
CA MET D 18 8.37 19.66 -7.05
C MET D 18 8.29 18.57 -8.13
N LEU D 19 9.39 17.85 -8.35
CA LEU D 19 9.44 16.81 -9.37
C LEU D 19 8.46 15.66 -9.04
N LEU D 20 8.17 15.43 -7.75
CA LEU D 20 7.26 14.38 -7.33
C LEU D 20 5.90 14.89 -6.84
N LYS D 21 5.49 16.13 -7.17
N LYS D 21 5.53 16.14 -7.19
CA LYS D 21 4.21 16.61 -6.66
CA LYS D 21 4.24 16.69 -6.78
C LYS D 21 3.08 15.72 -7.17
C LYS D 21 3.10 15.75 -7.19
N ARG D 22 3.18 15.23 -8.42
CA ARG D 22 2.22 14.27 -8.95
C ARG D 22 2.80 12.85 -8.94
N ALA D 23 4.10 12.73 -9.23
CA ALA D 23 4.73 11.42 -9.40
C ALA D 23 4.90 10.72 -8.05
N LYS D 24 4.62 11.40 -6.94
CA LYS D 24 4.57 10.66 -5.68
C LYS D 24 3.39 9.69 -5.66
N LYS D 25 2.38 9.89 -6.52
CA LYS D 25 1.25 8.97 -6.64
C LYS D 25 1.50 8.06 -7.84
N PRO D 26 1.45 6.71 -7.66
CA PRO D 26 1.90 5.77 -8.69
C PRO D 26 0.87 5.47 -9.78
N ARG D 27 0.65 6.48 -10.62
CA ARG D 27 -0.24 6.35 -11.76
C ARG D 27 0.08 7.43 -12.79
N VAL D 28 -0.46 7.25 -14.01
CA VAL D 28 -0.28 8.23 -15.09
C VAL D 28 -1.15 9.46 -14.82
N HIS D 29 -0.52 10.62 -14.77
CA HIS D 29 -1.21 11.90 -14.70
C HIS D 29 -1.29 12.49 -16.10
N SER D 30 -2.52 12.65 -16.58
CA SER D 30 -2.71 13.05 -17.96
C SER D 30 -2.79 14.58 -18.04
N ILE D 31 -2.97 15.10 -19.28
CA ILE D 31 -2.72 16.51 -19.50
C ILE D 31 -3.72 17.36 -18.71
N ASP D 32 -4.98 16.93 -18.54
CA ASP D 32 -5.92 17.77 -17.83
C ASP D 32 -5.50 17.94 -16.37
N GLU D 33 -5.00 16.87 -15.77
N GLU D 33 -5.02 16.85 -15.75
CA GLU D 33 -4.57 16.96 -14.38
CA GLU D 33 -4.55 16.91 -14.37
C GLU D 33 -3.31 17.84 -14.26
C GLU D 33 -3.33 17.82 -14.26
N TYR D 34 -2.44 17.73 -15.27
CA TYR D 34 -1.24 18.55 -15.32
C TYR D 34 -1.63 20.03 -15.44
N LEU D 35 -2.59 20.34 -16.32
CA LEU D 35 -3.03 21.72 -16.53
C LEU D 35 -3.70 22.29 -15.26
N LYS D 36 -4.47 21.47 -14.54
CA LYS D 36 -5.16 21.92 -13.32
C LYS D 36 -4.12 22.37 -12.27
N ASP D 37 -2.93 21.76 -12.27
CA ASP D 37 -1.84 22.13 -11.37
C ASP D 37 -0.95 23.24 -11.92
N GLY D 38 -1.40 23.92 -12.99
CA GLY D 38 -0.68 25.07 -13.48
C GLY D 38 0.32 24.72 -14.57
N GLY D 39 0.29 23.48 -15.05
CA GLY D 39 1.25 23.00 -16.04
C GLY D 39 1.09 23.71 -17.38
N TYR D 40 2.23 23.84 -18.07
CA TYR D 40 2.36 24.47 -19.38
C TYR D 40 2.31 26.00 -19.31
N GLN D 41 2.16 26.58 -18.11
N GLN D 41 2.15 26.57 -18.11
CA GLN D 41 2.17 28.03 -17.98
CA GLN D 41 2.22 28.02 -17.99
C GLN D 41 3.62 28.53 -17.89
C GLN D 41 3.67 28.48 -18.05
N ALA D 42 4.58 27.66 -17.53
CA ALA D 42 6.00 27.93 -17.65
C ALA D 42 6.43 28.00 -19.12
N LEU D 43 5.89 27.09 -19.94
CA LEU D 43 6.13 27.14 -21.38
C LEU D 43 5.62 28.45 -21.97
N GLU D 44 4.38 28.81 -21.63
N GLU D 44 4.38 28.81 -21.61
CA GLU D 44 3.80 30.05 -22.15
CA GLU D 44 3.81 30.04 -22.15
C GLU D 44 4.70 31.22 -21.77
C GLU D 44 4.70 31.22 -21.77
N LYS D 45 5.15 31.24 -20.51
CA LYS D 45 6.04 32.30 -20.03
C LYS D 45 7.36 32.33 -20.82
N ALA D 46 7.90 31.13 -21.06
CA ALA D 46 9.19 30.98 -21.74
C ALA D 46 9.09 31.49 -23.17
N LEU D 47 7.95 31.25 -23.83
CA LEU D 47 7.81 31.68 -25.22
C LEU D 47 7.69 33.21 -25.31
N ASN D 48 7.37 33.88 -24.20
CA ASN D 48 7.40 35.33 -24.13
C ASN D 48 8.79 35.86 -23.78
N MET D 49 9.77 34.97 -23.62
CA MET D 49 11.13 35.36 -23.29
C MET D 49 12.00 35.08 -24.51
N SER D 50 13.17 35.71 -24.56
CA SER D 50 14.15 35.38 -25.58
C SER D 50 14.81 34.05 -25.20
N PRO D 51 15.23 33.24 -26.19
CA PRO D 51 16.06 32.07 -25.91
C PRO D 51 17.25 32.40 -25.03
N GLU D 52 17.89 33.54 -25.32
N GLU D 52 17.94 33.53 -25.33
CA GLU D 52 19.08 33.99 -24.59
CA GLU D 52 19.09 33.98 -24.56
C GLU D 52 18.77 34.24 -23.11
C GLU D 52 18.72 34.12 -23.08
N GLU D 53 17.55 34.73 -22.80
CA GLU D 53 17.17 34.98 -21.42
C GLU D 53 16.90 33.65 -20.70
N ILE D 54 16.27 32.69 -21.38
CA ILE D 54 16.05 31.37 -20.78
C ILE D 54 17.39 30.74 -20.42
N ILE D 55 18.35 30.78 -21.37
CA ILE D 55 19.66 30.19 -21.11
C ILE D 55 20.27 30.86 -19.86
N ASP D 56 20.09 32.18 -19.76
CA ASP D 56 20.67 32.94 -18.66
C ASP D 56 20.05 32.48 -17.33
N TRP D 57 18.72 32.30 -17.28
CA TRP D 57 18.07 31.85 -16.04
C TRP D 57 18.58 30.46 -15.66
N VAL D 58 18.67 29.58 -16.67
CA VAL D 58 19.10 28.21 -16.39
C VAL D 58 20.55 28.21 -15.90
N ASP D 59 21.39 29.04 -16.50
CA ASP D 59 22.75 29.23 -16.00
C ASP D 59 22.75 29.68 -14.54
N LYS D 60 21.99 30.74 -14.27
CA LYS D 60 22.00 31.38 -12.97
C LYS D 60 21.36 30.51 -11.90
N SER D 61 20.53 29.55 -12.31
CA SER D 61 19.91 28.61 -11.40
C SER D 61 20.93 27.67 -10.73
N THR D 62 22.10 27.51 -11.37
CA THR D 62 23.18 26.59 -11.04
C THR D 62 22.81 25.14 -11.30
N LEU D 63 21.71 24.88 -12.04
CA LEU D 63 21.34 23.52 -12.43
C LEU D 63 22.55 22.80 -13.03
N ARG D 64 22.80 21.59 -12.51
CA ARG D 64 23.82 20.69 -13.03
C ARG D 64 23.20 19.38 -13.52
N GLY D 65 23.87 18.77 -14.51
CA GLY D 65 23.47 17.50 -15.09
C GLY D 65 23.16 16.43 -14.05
N ARG D 66 22.02 15.79 -14.19
CA ARG D 66 21.56 14.75 -13.30
C ARG D 66 21.78 13.35 -13.86
N GLY D 67 22.46 13.23 -15.01
CA GLY D 67 22.75 11.92 -15.57
C GLY D 67 24.07 11.33 -15.08
N GLY D 68 24.76 12.01 -14.13
CA GLY D 68 25.91 11.38 -13.52
C GLY D 68 27.16 12.24 -13.46
N ALA D 69 27.38 13.13 -14.45
CA ALA D 69 28.60 13.93 -14.53
C ALA D 69 28.48 15.33 -13.91
N GLY D 70 27.26 15.86 -13.71
CA GLY D 70 27.07 17.15 -13.05
C GLY D 70 27.61 18.34 -13.84
N PHE D 71 27.56 18.29 -15.19
CA PHE D 71 28.00 19.43 -15.97
C PHE D 71 26.95 20.55 -15.90
N PRO D 72 27.35 21.82 -15.70
CA PRO D 72 26.38 22.93 -15.65
C PRO D 72 25.55 23.02 -16.93
N THR D 73 24.23 22.95 -16.77
CA THR D 73 23.29 22.85 -17.87
C THR D 73 23.28 24.11 -18.74
N GLY D 74 23.18 25.28 -18.09
CA GLY D 74 23.18 26.54 -18.82
C GLY D 74 24.45 26.70 -19.65
N LYS D 75 25.60 26.31 -19.09
CA LYS D 75 26.87 26.44 -19.80
C LYS D 75 26.84 25.55 -21.05
N LYS D 76 26.28 24.35 -20.89
CA LYS D 76 26.15 23.41 -22.00
C LYS D 76 25.32 24.03 -23.14
N TRP D 77 24.17 24.60 -22.77
CA TRP D 77 23.31 25.23 -23.77
C TRP D 77 23.99 26.40 -24.46
N LYS D 78 24.68 27.23 -23.66
CA LYS D 78 25.43 28.36 -24.19
C LYS D 78 26.40 27.89 -25.26
N PHE D 79 27.08 26.77 -25.00
CA PHE D 79 28.07 26.28 -25.96
C PHE D 79 27.40 25.89 -27.28
N ALA D 80 26.23 25.26 -27.20
CA ALA D 80 25.53 24.80 -28.38
C ALA D 80 25.17 25.99 -29.28
N VAL D 81 24.68 27.09 -28.68
CA VAL D 81 24.11 28.19 -29.45
C VAL D 81 25.20 29.11 -30.04
N GLN D 82 26.47 28.85 -29.68
CA GLN D 82 27.58 29.55 -30.31
C GLN D 82 27.87 28.93 -31.68
N ASN D 83 27.29 27.75 -31.94
CA ASN D 83 27.54 27.06 -33.20
C ASN D 83 26.34 27.21 -34.14
N PRO D 84 26.56 27.36 -35.46
CA PRO D 84 25.43 27.52 -36.38
C PRO D 84 24.51 26.30 -36.40
N GLY D 85 23.22 26.56 -36.59
CA GLY D 85 22.21 25.53 -36.68
C GLY D 85 22.17 24.84 -38.06
N PRO D 86 21.22 23.90 -38.27
CA PRO D 86 20.21 23.56 -37.27
C PRO D 86 20.77 22.87 -36.03
N ARG D 87 20.02 22.93 -34.92
CA ARG D 87 20.42 22.23 -33.71
C ARG D 87 19.35 21.22 -33.30
N TYR D 88 19.77 20.23 -32.48
CA TYR D 88 18.91 19.17 -31.99
C TYR D 88 18.99 19.10 -30.47
N PHE D 89 17.86 18.74 -29.87
CA PHE D 89 17.76 18.51 -28.44
C PHE D 89 17.40 17.05 -28.20
N ILE D 90 18.13 16.40 -27.29
CA ILE D 90 17.91 15.01 -26.96
C ILE D 90 17.73 14.85 -25.45
N CYS D 91 16.61 14.22 -25.10
CA CYS D 91 16.34 13.75 -23.73
C CYS D 91 16.86 12.33 -23.59
N ASN D 92 17.85 12.14 -22.70
CA ASN D 92 18.40 10.83 -22.38
C ASN D 92 17.56 10.11 -21.31
N ALA D 93 16.74 9.17 -21.76
CA ALA D 93 15.93 8.29 -20.91
C ALA D 93 16.43 6.83 -20.97
N ASP D 94 17.75 6.64 -21.11
CA ASP D 94 18.27 5.29 -21.21
C ASP D 94 18.41 4.58 -19.85
N GLU D 95 18.42 5.33 -18.74
CA GLU D 95 18.57 4.87 -17.36
C GLU D 95 18.69 3.35 -17.23
N SER D 96 19.94 2.84 -17.20
CA SER D 96 20.20 1.40 -17.13
C SER D 96 21.29 1.03 -16.11
N GLU D 97 21.79 2.00 -15.36
CA GLU D 97 22.83 1.71 -14.38
C GLU D 97 22.21 0.99 -13.20
N PRO D 98 22.82 -0.11 -12.66
CA PRO D 98 22.30 -0.78 -11.48
C PRO D 98 21.97 0.17 -10.33
N GLY D 99 20.77 -0.01 -9.79
CA GLY D 99 20.29 0.77 -8.68
C GLY D 99 19.48 2.00 -9.11
N THR D 100 19.52 2.35 -10.40
CA THR D 100 18.98 3.66 -10.80
C THR D 100 17.58 3.51 -11.44
N PHE D 101 16.58 4.12 -10.80
CA PHE D 101 15.20 4.05 -11.23
C PHE D 101 14.49 5.38 -10.99
N LYS D 102 15.24 6.48 -10.88
CA LYS D 102 14.64 7.80 -10.63
C LYS D 102 13.91 8.36 -11.86
N ASP D 103 14.46 8.19 -13.07
CA ASP D 103 13.92 8.84 -14.26
C ASP D 103 12.58 8.24 -14.66
N ARG D 104 12.39 6.93 -14.46
CA ARG D 104 11.17 6.30 -14.94
C ARG D 104 9.96 6.82 -14.19
N ILE D 105 10.12 7.27 -12.93
CA ILE D 105 8.92 7.66 -12.22
C ILE D 105 8.39 9.00 -12.75
N ILE D 106 9.28 9.87 -13.24
N ILE D 106 9.28 9.87 -13.26
CA ILE D 106 8.87 11.08 -13.96
CA ILE D 106 8.84 11.07 -13.95
C ILE D 106 8.16 10.68 -15.25
C ILE D 106 8.15 10.68 -15.25
N ILE D 107 8.83 9.85 -16.06
CA ILE D 107 8.29 9.42 -17.35
C ILE D 107 6.90 8.80 -17.22
N GLU D 108 6.75 7.86 -16.28
CA GLU D 108 5.58 7.00 -16.24
C GLU D 108 4.43 7.67 -15.51
N ARG D 109 4.71 8.65 -14.63
CA ARG D 109 3.64 9.21 -13.79
C ARG D 109 3.32 10.66 -14.11
N ASP D 110 4.32 11.43 -14.57
CA ASP D 110 4.14 12.86 -14.83
C ASP D 110 4.85 13.22 -16.14
N PRO D 111 4.51 12.54 -17.26
CA PRO D 111 5.22 12.74 -18.52
C PRO D 111 5.18 14.18 -19.01
N HIS D 112 4.13 14.93 -18.66
CA HIS D 112 4.03 16.32 -19.13
C HIS D 112 5.09 17.22 -18.50
N LEU D 113 5.57 16.88 -17.29
CA LEU D 113 6.65 17.65 -16.70
C LEU D 113 7.88 17.55 -17.60
N LEU D 114 8.15 16.33 -18.09
CA LEU D 114 9.29 16.13 -18.95
C LEU D 114 9.03 16.80 -20.30
N ILE D 115 7.84 16.62 -20.87
CA ILE D 115 7.54 17.21 -22.17
C ILE D 115 7.67 18.73 -22.12
N GLU D 116 7.06 19.34 -21.09
CA GLU D 116 7.16 20.78 -20.94
C GLU D 116 8.64 21.22 -20.85
N GLY D 117 9.46 20.52 -20.06
CA GLY D 117 10.87 20.85 -20.02
C GLY D 117 11.58 20.73 -21.37
N ILE D 118 11.24 19.70 -22.16
CA ILE D 118 11.84 19.48 -23.46
C ILE D 118 11.48 20.64 -24.39
N ILE D 119 10.23 21.12 -24.35
CA ILE D 119 9.82 22.18 -25.27
C ILE D 119 10.56 23.47 -24.92
N ILE D 120 10.63 23.78 -23.62
CA ILE D 120 11.31 25.01 -23.20
C ILE D 120 12.80 24.95 -23.60
N SER D 121 13.45 23.83 -23.29
CA SER D 121 14.87 23.63 -23.57
C SER D 121 15.15 23.72 -25.07
N SER D 122 14.26 23.11 -25.88
CA SER D 122 14.41 23.13 -27.34
C SER D 122 14.32 24.57 -27.85
N TYR D 123 13.33 25.32 -27.33
CA TYR D 123 13.17 26.70 -27.69
C TYR D 123 14.42 27.49 -27.32
N ALA D 124 14.95 27.24 -26.10
CA ALA D 124 16.15 27.94 -25.63
C ALA D 124 17.34 27.79 -26.59
N ILE D 125 17.51 26.61 -27.19
CA ILE D 125 18.70 26.37 -28.03
C ILE D 125 18.35 26.45 -29.51
N GLY D 126 17.10 26.76 -29.86
CA GLY D 126 16.71 26.92 -31.26
C GLY D 126 16.57 25.59 -32.00
N ALA D 127 16.30 24.48 -31.27
CA ALA D 127 16.08 23.19 -31.88
C ALA D 127 14.59 23.06 -32.27
N ASN D 128 14.31 22.64 -33.51
CA ASN D 128 12.95 22.42 -33.96
C ASN D 128 12.60 20.92 -34.02
N GLU D 129 13.59 20.08 -33.69
CA GLU D 129 13.46 18.64 -33.64
C GLU D 129 14.10 18.18 -32.34
N ALA D 130 13.34 17.44 -31.54
CA ALA D 130 13.83 16.88 -30.30
C ALA D 130 13.53 15.38 -30.26
N TYR D 131 14.32 14.67 -29.46
CA TYR D 131 14.18 13.24 -29.29
C TYR D 131 14.13 12.88 -27.83
N ILE D 132 13.33 11.85 -27.54
CA ILE D 132 13.49 11.09 -26.31
C ILE D 132 14.00 9.72 -26.69
N TYR D 133 15.15 9.34 -26.13
CA TYR D 133 15.71 8.00 -26.28
C TYR D 133 15.44 7.25 -24.98
N ILE D 134 14.47 6.33 -25.03
CA ILE D 134 14.09 5.57 -23.85
C ILE D 134 14.53 4.12 -23.98
N ARG D 135 15.14 3.58 -22.92
CA ARG D 135 15.60 2.20 -22.99
C ARG D 135 14.46 1.28 -23.40
N GLY D 136 14.81 0.20 -24.09
CA GLY D 136 13.81 -0.73 -24.56
C GLY D 136 13.04 -1.50 -23.47
N GLU D 137 13.67 -1.64 -22.28
CA GLU D 137 13.07 -2.34 -21.15
C GLU D 137 12.10 -1.47 -20.36
N TYR D 138 11.79 -0.25 -20.88
CA TYR D 138 10.75 0.63 -20.38
C TYR D 138 9.62 0.75 -21.42
N PRO D 139 8.95 -0.36 -21.80
CA PRO D 139 7.88 -0.31 -22.79
C PRO D 139 6.71 0.56 -22.33
N ALA D 140 6.30 0.47 -21.06
CA ALA D 140 5.18 1.28 -20.60
C ALA D 140 5.53 2.77 -20.70
N GLY D 141 6.75 3.16 -20.32
CA GLY D 141 7.20 4.55 -20.42
C GLY D 141 7.14 5.06 -21.86
N TYR D 142 7.52 4.21 -22.81
CA TYR D 142 7.44 4.53 -24.23
C TYR D 142 5.99 4.84 -24.64
N TYR D 143 5.02 3.97 -24.31
CA TYR D 143 3.63 4.15 -24.73
C TYR D 143 3.01 5.36 -24.02
N ILE D 144 3.37 5.55 -22.74
CA ILE D 144 2.92 6.70 -21.96
C ILE D 144 3.40 8.01 -22.59
N LEU D 145 4.66 8.04 -23.01
CA LEU D 145 5.21 9.25 -23.63
C LEU D 145 4.59 9.48 -25.01
N ARG D 146 4.41 8.43 -25.82
CA ARG D 146 3.79 8.62 -27.13
C ARG D 146 2.41 9.26 -26.95
N ASP D 147 1.66 8.77 -25.97
CA ASP D 147 0.30 9.24 -25.76
C ASP D 147 0.33 10.68 -25.23
N ALA D 148 1.27 10.97 -24.32
CA ALA D 148 1.34 12.31 -23.75
C ALA D 148 1.70 13.33 -24.83
N ILE D 149 2.57 12.93 -25.77
CA ILE D 149 3.00 13.82 -26.82
C ILE D 149 1.78 14.16 -27.69
N GLU D 150 0.95 13.15 -27.96
CA GLU D 150 -0.29 13.41 -28.71
C GLU D 150 -1.22 14.35 -27.96
N GLU D 151 -1.35 14.17 -26.64
CA GLU D 151 -2.13 15.10 -25.84
C GLU D 151 -1.61 16.54 -25.99
N ALA D 152 -0.28 16.73 -25.86
CA ALA D 152 0.32 18.06 -25.97
C ALA D 152 0.08 18.65 -27.36
N LYS D 153 0.19 17.85 -28.42
CA LYS D 153 -0.12 18.30 -29.77
C LYS D 153 -1.55 18.85 -29.86
N LYS D 154 -2.52 18.10 -29.32
CA LYS D 154 -3.92 18.47 -29.42
C LYS D 154 -4.22 19.77 -28.68
N LYS D 155 -3.47 20.06 -27.61
CA LYS D 155 -3.65 21.30 -26.88
C LYS D 155 -2.78 22.42 -27.43
N GLY D 156 -2.04 22.18 -28.54
CA GLY D 156 -1.29 23.24 -29.22
C GLY D 156 0.08 23.55 -28.60
N PHE D 157 0.63 22.62 -27.82
CA PHE D 157 1.94 22.85 -27.19
C PHE D 157 3.09 22.30 -28.04
N LEU D 158 2.77 21.49 -29.06
CA LEU D 158 3.73 21.02 -30.03
C LEU D 158 3.15 21.28 -31.42
N GLY D 159 4.01 21.17 -32.46
CA GLY D 159 3.60 21.39 -33.82
C GLY D 159 4.23 22.67 -34.35
N LYS D 160 3.61 23.27 -35.37
CA LYS D 160 4.10 24.52 -35.94
C LYS D 160 3.51 25.70 -35.18
N ASN D 161 4.32 26.76 -35.05
CA ASN D 161 3.86 28.05 -34.58
C ASN D 161 3.16 27.85 -33.23
N ILE D 162 3.91 27.29 -32.27
CA ILE D 162 3.36 26.93 -30.97
C ILE D 162 2.87 28.19 -30.25
N LEU D 163 1.56 28.18 -29.95
CA LEU D 163 0.87 29.24 -29.24
C LEU D 163 1.13 30.60 -29.88
N GLY D 164 1.30 30.63 -31.21
CA GLY D 164 1.42 31.87 -31.95
C GLY D 164 2.83 32.46 -31.91
N SER D 165 3.79 31.70 -31.39
CA SER D 165 5.14 32.19 -31.12
C SER D 165 6.06 32.17 -32.34
N GLY D 166 5.69 31.44 -33.40
CA GLY D 166 6.56 31.20 -34.54
C GLY D 166 7.58 30.07 -34.30
N PHE D 167 7.56 29.46 -33.13
CA PHE D 167 8.45 28.35 -32.81
C PHE D 167 7.79 27.01 -33.14
N ASP D 168 8.51 26.19 -33.92
CA ASP D 168 8.05 24.88 -34.35
C ASP D 168 8.79 23.80 -33.58
N LEU D 169 8.10 22.73 -33.17
CA LEU D 169 8.81 21.62 -32.54
C LEU D 169 8.06 20.31 -32.77
N GLU D 170 8.82 19.25 -33.09
CA GLU D 170 8.30 17.89 -33.01
C GLU D 170 9.24 17.14 -32.07
N ILE D 171 8.64 16.25 -31.27
CA ILE D 171 9.35 15.36 -30.37
C ILE D 171 9.12 13.93 -30.84
N TYR D 172 10.23 13.26 -31.14
CA TYR D 172 10.22 11.88 -31.59
C TYR D 172 10.68 11.00 -30.45
N VAL D 173 10.04 9.85 -30.31
CA VAL D 173 10.40 8.90 -29.25
C VAL D 173 11.06 7.69 -29.91
N ALA D 174 12.34 7.48 -29.54
CA ALA D 174 13.13 6.33 -29.96
C ALA D 174 13.25 5.34 -28.80
N ARG D 175 13.36 4.04 -29.14
CA ARG D 175 13.58 2.98 -28.15
C ARG D 175 14.96 2.36 -28.31
N GLY D 176 15.62 2.13 -27.16
CA GLY D 176 16.79 1.27 -27.12
C GLY D 176 16.40 -0.18 -27.26
N ALA D 177 17.41 -1.07 -27.20
CA ALA D 177 17.20 -2.49 -27.45
C ALA D 177 18.21 -3.35 -26.69
N GLY D 178 18.64 -2.86 -25.50
CA GLY D 178 19.30 -3.69 -24.50
C GLY D 178 20.74 -3.32 -24.15
N ALA D 179 21.23 -2.17 -24.60
CA ALA D 179 22.64 -1.83 -24.41
C ALA D 179 22.78 -0.64 -23.44
N TYR D 180 23.35 -0.90 -22.25
CA TYR D 180 23.64 0.16 -21.29
C TYR D 180 24.47 1.28 -21.93
N ILE D 181 25.36 0.94 -22.88
CA ILE D 181 26.27 1.92 -23.43
C ILE D 181 25.51 2.98 -24.23
N CYS D 182 24.28 2.68 -24.64
CA CYS D 182 23.49 3.66 -25.37
C CYS D 182 23.00 4.80 -24.45
N GLY D 183 23.28 4.76 -23.16
CA GLY D 183 23.13 5.94 -22.33
C GLY D 183 24.29 6.94 -22.40
N GLU D 184 25.45 6.48 -22.86
CA GLU D 184 26.54 7.40 -23.15
C GLU D 184 26.11 8.25 -24.34
N GLU D 185 26.19 9.57 -24.19
CA GLU D 185 25.48 10.46 -25.11
C GLU D 185 25.89 10.25 -26.58
N THR D 186 27.17 9.93 -26.87
CA THR D 186 27.58 9.80 -28.26
C THR D 186 27.12 8.46 -28.82
N ALA D 187 27.11 7.39 -28.00
CA ALA D 187 26.56 6.11 -28.43
C ALA D 187 25.05 6.21 -28.64
N LEU D 188 24.39 6.99 -27.79
CA LEU D 188 22.97 7.27 -27.94
C LEU D 188 22.71 7.90 -29.33
N ILE D 189 23.50 8.90 -29.68
CA ILE D 189 23.37 9.55 -30.99
C ILE D 189 23.60 8.54 -32.10
N GLU D 190 24.64 7.69 -32.02
CA GLU D 190 24.88 6.67 -33.03
C GLU D 190 23.62 5.81 -33.19
N SER D 191 23.00 5.41 -32.08
CA SER D 191 21.80 4.59 -32.09
C SER D 191 20.61 5.35 -32.73
N LEU D 192 20.45 6.62 -32.42
CA LEU D 192 19.44 7.45 -33.07
C LEU D 192 19.64 7.54 -34.58
N GLU D 193 20.90 7.45 -35.05
CA GLU D 193 21.24 7.48 -36.45
C GLU D 193 21.11 6.08 -37.08
N GLY D 194 20.63 5.10 -36.30
CA GLY D 194 20.28 3.78 -36.82
C GLY D 194 21.45 2.81 -36.85
N LYS D 195 22.46 3.07 -36.01
CA LYS D 195 23.63 2.22 -35.95
C LYS D 195 23.80 1.56 -34.58
N ARG D 196 24.84 0.73 -34.49
CA ARG D 196 25.28 0.19 -33.22
C ARG D 196 25.69 1.32 -32.29
N GLY D 197 25.54 1.06 -31.00
CA GLY D 197 25.84 2.06 -29.97
C GLY D 197 27.32 2.09 -29.61
N HIS D 198 28.12 2.72 -30.47
CA HIS D 198 29.55 2.80 -30.27
C HIS D 198 29.89 4.23 -29.93
N PRO D 199 30.37 4.54 -28.71
CA PRO D 199 30.83 5.89 -28.41
C PRO D 199 31.84 6.42 -29.41
N ARG D 200 31.79 7.76 -29.54
CA ARG D 200 32.69 8.52 -30.39
C ARG D 200 33.74 9.18 -29.50
N LEU D 201 34.94 9.40 -30.06
CA LEU D 201 35.96 10.20 -29.42
C LEU D 201 35.39 11.59 -29.12
N LYS D 202 35.56 12.04 -27.87
CA LYS D 202 35.15 13.36 -27.40
C LYS D 202 36.37 14.03 -26.77
N PRO D 203 36.70 15.30 -27.07
CA PRO D 203 35.94 16.12 -27.99
C PRO D 203 36.06 15.61 -29.43
N PRO D 204 35.19 16.06 -30.39
CA PRO D 204 34.19 17.10 -30.13
C PRO D 204 33.03 16.64 -29.22
N TYR D 205 32.52 17.58 -28.42
CA TYR D 205 31.33 17.34 -27.62
C TYR D 205 30.12 17.45 -28.53
N PRO D 206 28.98 16.80 -28.22
CA PRO D 206 27.80 16.89 -29.07
C PRO D 206 27.34 18.31 -29.37
N VAL D 207 27.60 19.27 -28.47
CA VAL D 207 27.13 20.64 -28.68
C VAL D 207 27.87 21.27 -29.86
N GLN D 208 29.04 20.72 -30.22
CA GLN D 208 29.75 21.12 -31.43
C GLN D 208 29.32 20.22 -32.59
N LYS D 209 29.40 18.91 -32.40
CA LYS D 209 29.15 17.93 -33.44
C LYS D 209 28.41 16.74 -32.84
N GLY D 210 27.11 16.59 -33.17
CA GLY D 210 26.26 15.59 -32.59
C GLY D 210 25.45 14.79 -33.62
N LEU D 211 24.13 14.85 -33.51
CA LEU D 211 23.23 14.16 -34.44
C LEU D 211 23.38 14.75 -35.84
N TRP D 212 23.72 13.87 -36.80
CA TRP D 212 24.00 14.26 -38.17
C TRP D 212 25.11 15.32 -38.24
N GLY D 213 26.00 15.34 -37.23
CA GLY D 213 27.14 16.23 -37.17
C GLY D 213 26.78 17.65 -36.76
N LYS D 214 25.53 17.85 -36.32
CA LYS D 214 25.02 19.18 -36.01
C LYS D 214 25.08 19.41 -34.51
N PRO D 215 25.10 20.68 -34.06
CA PRO D 215 25.06 20.99 -32.63
C PRO D 215 23.87 20.31 -31.97
N THR D 216 24.17 19.56 -30.91
CA THR D 216 23.19 18.73 -30.23
C THR D 216 23.41 18.83 -28.73
N VAL D 217 22.34 19.17 -28.00
CA VAL D 217 22.35 19.11 -26.55
C VAL D 217 21.70 17.80 -26.13
N VAL D 218 22.44 17.00 -25.33
CA VAL D 218 21.88 15.84 -24.66
C VAL D 218 21.76 16.19 -23.19
N ASN D 219 20.55 16.03 -22.64
CA ASN D 219 20.31 16.18 -21.20
C ASN D 219 19.49 15.00 -20.68
N ASN D 220 19.75 14.68 -19.42
CA ASN D 220 19.07 13.65 -18.68
C ASN D 220 17.62 14.06 -18.35
N VAL D 221 16.74 13.05 -18.25
CA VAL D 221 15.34 13.26 -17.90
C VAL D 221 15.19 14.17 -16.68
N GLU D 222 15.89 13.86 -15.58
CA GLU D 222 15.72 14.64 -14.36
C GLU D 222 16.20 16.08 -14.53
N THR D 223 17.30 16.27 -15.27
CA THR D 223 17.78 17.62 -15.52
C THR D 223 16.68 18.45 -16.18
N ILE D 224 16.09 17.87 -17.22
CA ILE D 224 15.09 18.57 -18.01
C ILE D 224 13.87 18.88 -17.16
N ALA D 225 13.50 17.95 -16.27
CA ALA D 225 12.32 18.13 -15.42
C ALA D 225 12.44 19.31 -14.46
N ASN D 226 13.66 19.84 -14.24
CA ASN D 226 13.84 21.02 -13.42
C ASN D 226 13.53 22.30 -14.19
N VAL D 227 13.57 22.26 -15.54
CA VAL D 227 13.50 23.49 -16.31
C VAL D 227 12.16 24.19 -16.12
N PRO D 228 10.98 23.51 -16.11
CA PRO D 228 9.73 24.24 -15.89
C PRO D 228 9.68 24.99 -14.55
N PHE D 229 10.33 24.43 -13.50
CA PHE D 229 10.39 25.08 -12.21
C PHE D 229 11.23 26.35 -12.28
N ILE D 230 12.39 26.27 -12.90
CA ILE D 230 13.24 27.45 -13.04
C ILE D 230 12.51 28.59 -13.73
N ILE D 231 11.79 28.31 -14.82
CA ILE D 231 11.03 29.36 -15.47
C ILE D 231 9.87 29.84 -14.60
N SER D 232 9.16 28.91 -13.98
CA SER D 232 7.96 29.22 -13.22
C SER D 232 8.29 30.11 -12.03
N MET D 233 9.32 29.76 -11.24
CA MET D 233 9.53 30.49 -10.00
C MET D 233 10.62 31.55 -10.17
N GLY D 234 11.36 31.50 -11.27
CA GLY D 234 12.51 32.37 -11.45
C GLY D 234 13.74 31.73 -10.84
N TRP D 235 14.92 32.19 -11.26
CA TRP D 235 16.17 31.55 -10.85
C TRP D 235 16.51 31.87 -9.40
N GLU D 236 16.13 33.05 -8.91
CA GLU D 236 16.45 33.45 -7.55
C GLU D 236 15.76 32.53 -6.56
N GLU D 237 14.46 32.28 -6.77
CA GLU D 237 13.70 31.41 -5.88
C GLU D 237 14.19 29.98 -5.98
N TYR D 238 14.59 29.54 -7.19
CA TYR D 238 15.08 28.19 -7.38
C TYR D 238 16.37 27.99 -6.58
N ARG D 239 17.23 29.02 -6.57
CA ARG D 239 18.48 28.94 -5.82
C ARG D 239 18.28 28.92 -4.31
N TYR D 240 17.08 29.29 -3.86
CA TYR D 240 16.75 29.32 -2.44
C TYR D 240 16.29 27.93 -1.99
N ILE D 241 16.21 26.98 -2.93
CA ILE D 241 15.91 25.60 -2.61
C ILE D 241 17.20 24.90 -2.22
N GLY D 242 17.26 24.42 -0.98
CA GLY D 242 18.41 23.67 -0.53
C GLY D 242 19.58 24.60 -0.20
N PRO D 243 20.81 24.07 -0.12
CA PRO D 243 22.01 24.88 0.19
C PRO D 243 22.35 25.78 -0.98
N SER D 244 22.82 27.01 -0.67
CA SER D 244 23.15 27.99 -1.69
C SER D 244 24.18 27.44 -2.67
N ASP D 245 25.10 26.58 -2.17
CA ASP D 245 26.17 25.98 -2.96
C ASP D 245 25.67 24.98 -3.99
N TYR D 246 24.64 24.18 -3.66
CA TYR D 246 24.15 23.15 -4.57
C TYR D 246 22.62 23.13 -4.51
N ALA D 247 22.02 24.10 -5.19
CA ALA D 247 20.63 24.39 -5.00
C ALA D 247 19.79 23.47 -5.88
N GLY D 248 18.55 23.30 -5.46
CA GLY D 248 17.53 22.66 -6.27
C GLY D 248 17.14 21.30 -5.72
N PRO D 249 15.99 20.75 -6.18
CA PRO D 249 15.54 19.42 -5.79
C PRO D 249 16.42 18.35 -6.44
N LYS D 250 16.52 17.19 -5.81
CA LYS D 250 17.27 16.07 -6.36
C LYS D 250 16.53 14.79 -6.01
N LEU D 251 16.47 13.86 -6.98
CA LEU D 251 15.85 12.54 -6.77
C LEU D 251 16.91 11.53 -6.35
N PHE D 252 16.59 10.73 -5.32
CA PHE D 252 17.48 9.71 -4.81
C PHE D 252 16.79 8.36 -4.86
N PRO D 253 17.17 7.45 -5.79
CA PRO D 253 16.64 6.10 -5.83
C PRO D 253 17.42 5.21 -4.85
N VAL D 254 16.70 4.75 -3.85
CA VAL D 254 17.25 4.01 -2.71
C VAL D 254 16.75 2.57 -2.78
N SER D 255 17.67 1.61 -2.69
CA SER D 255 17.31 0.20 -2.76
C SER D 255 18.26 -0.64 -1.92
N GLY D 256 18.03 -1.96 -1.94
CA GLY D 256 18.78 -2.88 -1.09
C GLY D 256 18.17 -2.99 0.30
N LYS D 257 19.02 -3.01 1.32
CA LYS D 257 18.65 -3.44 2.66
C LYS D 257 18.11 -2.28 3.51
N VAL D 258 17.15 -1.53 2.98
CA VAL D 258 16.45 -0.49 3.72
C VAL D 258 14.98 -0.90 3.88
N LYS D 259 14.32 -0.32 4.89
CA LYS D 259 12.92 -0.65 5.16
C LYS D 259 11.99 -0.07 4.11
N LYS D 260 12.29 1.13 3.57
CA LYS D 260 11.41 1.83 2.65
C LYS D 260 12.17 2.12 1.36
N PRO D 261 12.48 1.11 0.54
CA PRO D 261 13.13 1.35 -0.74
C PRO D 261 12.18 2.13 -1.65
N GLY D 262 12.74 3.08 -2.42
CA GLY D 262 11.95 3.93 -3.31
C GLY D 262 12.71 5.18 -3.71
N VAL D 263 11.99 6.16 -4.28
CA VAL D 263 12.61 7.37 -4.78
C VAL D 263 12.28 8.51 -3.83
N TYR D 264 13.31 9.25 -3.39
CA TYR D 264 13.13 10.36 -2.46
C TYR D 264 13.54 11.67 -3.11
N GLU D 265 12.63 12.67 -3.07
CA GLU D 265 12.97 14.02 -3.53
C GLU D 265 13.37 14.86 -2.33
N LEU D 266 14.64 15.26 -2.29
CA LEU D 266 15.25 15.87 -1.12
C LEU D 266 16.22 16.94 -1.57
N PRO D 267 16.56 17.92 -0.71
CA PRO D 267 17.63 18.86 -1.03
C PRO D 267 18.99 18.19 -0.86
N MET D 268 20.02 18.81 -1.47
CA MET D 268 21.32 18.15 -1.61
C MET D 268 22.24 18.42 -0.42
N ASN D 269 21.75 19.09 0.62
CA ASN D 269 22.47 19.14 1.88
C ASN D 269 22.13 17.94 2.76
N THR D 270 21.11 17.16 2.39
CA THR D 270 20.84 15.90 3.08
C THR D 270 22.08 15.03 3.08
N THR D 271 22.38 14.33 4.19
CA THR D 271 23.51 13.42 4.22
C THR D 271 23.09 12.01 3.80
N LEU D 272 24.07 11.18 3.45
CA LEU D 272 23.83 9.79 3.12
C LEU D 272 23.17 9.06 4.30
N ARG D 273 23.65 9.32 5.51
CA ARG D 273 23.04 8.74 6.73
C ARG D 273 21.57 9.13 6.84
N GLU D 274 21.23 10.41 6.59
CA GLU D 274 19.84 10.84 6.65
C GLU D 274 19.00 10.12 5.59
N VAL D 275 19.52 10.00 4.38
CA VAL D 275 18.78 9.30 3.34
C VAL D 275 18.37 7.91 3.86
N ILE D 276 19.34 7.19 4.41
CA ILE D 276 19.09 5.81 4.82
C ILE D 276 18.18 5.75 6.05
N PHE D 277 18.49 6.55 7.09
CA PHE D 277 17.87 6.38 8.39
C PHE D 277 16.69 7.32 8.62
N LYS D 278 16.80 8.57 8.19
CA LYS D 278 15.72 9.54 8.40
C LYS D 278 14.60 9.29 7.40
N TYR D 279 14.96 9.05 6.14
CA TYR D 279 13.96 9.00 5.07
C TYR D 279 13.57 7.57 4.72
N ALA D 280 14.54 6.67 4.47
CA ALA D 280 14.23 5.32 4.00
C ALA D 280 13.96 4.31 5.11
N GLY D 281 13.82 4.75 6.37
CA GLY D 281 13.32 3.93 7.45
C GLY D 281 14.40 3.09 8.16
N GLY D 282 15.67 3.32 7.80
CA GLY D 282 16.73 2.52 8.38
C GLY D 282 16.86 1.19 7.65
N THR D 283 17.60 0.26 8.26
CA THR D 283 17.99 -0.97 7.57
C THR D 283 17.00 -2.09 7.86
N LEU D 284 16.91 -3.05 6.95
CA LEU D 284 16.18 -4.28 7.24
C LEU D 284 16.81 -4.97 8.45
N GLY D 285 15.94 -5.38 9.39
CA GLY D 285 16.37 -6.05 10.61
C GLY D 285 17.21 -5.18 11.54
N ASN D 286 17.26 -3.86 11.27
CA ASN D 286 18.13 -2.95 12.00
C ASN D 286 19.57 -3.47 12.01
N LYS D 287 19.98 -4.17 10.96
CA LYS D 287 21.37 -4.61 10.83
C LYS D 287 22.27 -3.42 10.52
N LYS D 288 23.56 -3.53 10.86
CA LYS D 288 24.50 -2.45 10.59
C LYS D 288 24.75 -2.29 9.09
N VAL D 289 24.87 -1.03 8.65
CA VAL D 289 25.27 -0.77 7.28
C VAL D 289 26.72 -1.20 7.11
N LYS D 290 26.99 -1.98 6.06
CA LYS D 290 28.36 -2.35 5.70
C LYS D 290 28.90 -1.44 4.59
N ALA D 291 28.11 -1.26 3.53
CA ALA D 291 28.54 -0.48 2.36
C ALA D 291 27.33 0.14 1.69
N VAL D 292 27.58 1.25 0.98
CA VAL D 292 26.65 1.79 0.03
C VAL D 292 27.33 1.77 -1.33
N PHE D 293 26.66 1.19 -2.32
CA PHE D 293 27.10 1.26 -3.70
C PHE D 293 26.38 2.44 -4.36
N SER D 294 27.16 3.40 -4.87
CA SER D 294 26.62 4.46 -5.70
C SER D 294 26.46 3.89 -7.11
N GLY D 295 25.31 3.24 -7.35
CA GLY D 295 25.11 2.47 -8.56
C GLY D 295 26.25 1.46 -8.75
N ALA D 296 26.88 1.50 -9.92
CA ALA D 296 28.04 0.68 -10.21
C ALA D 296 29.31 1.54 -10.25
N LEU D 297 29.30 2.73 -9.62
CA LEU D 297 30.41 3.67 -9.73
C LEU D 297 31.33 3.63 -8.51
N ASP D 298 30.77 3.78 -7.30
CA ASP D 298 31.58 3.96 -6.11
C ASP D 298 31.06 3.02 -5.02
N CYS D 299 31.94 2.74 -4.05
CA CYS D 299 31.58 2.00 -2.84
C CYS D 299 31.96 2.84 -1.64
N PHE D 300 30.96 3.27 -0.85
CA PHE D 300 31.21 3.99 0.39
C PHE D 300 31.08 3.02 1.56
N SER D 301 32.00 3.15 2.53
CA SER D 301 31.95 2.34 3.73
C SER D 301 31.09 2.99 4.80
N SER D 302 30.89 2.28 5.92
CA SER D 302 30.02 2.76 6.99
C SER D 302 30.65 3.95 7.71
N GLU D 303 31.94 4.20 7.45
CA GLU D 303 32.63 5.36 8.00
C GLU D 303 32.43 6.60 7.14
N GLU D 304 31.72 6.47 6.01
CA GLU D 304 31.57 7.60 5.10
C GLU D 304 30.11 8.02 4.96
N LEU D 305 29.26 7.78 5.97
CA LEU D 305 27.83 8.02 5.79
C LEU D 305 27.45 9.48 6.04
N ASP D 306 28.35 10.27 6.64
CA ASP D 306 27.99 11.63 6.99
C ASP D 306 28.26 12.60 5.85
N ILE D 307 28.50 12.11 4.64
CA ILE D 307 28.78 12.99 3.51
C ILE D 307 27.48 13.58 2.95
N PRO D 308 27.54 14.81 2.38
CA PRO D 308 26.36 15.40 1.74
C PRO D 308 26.05 14.82 0.37
N MET D 309 24.77 14.81 -0.01
CA MET D 309 24.34 14.20 -1.27
C MET D 309 24.39 15.25 -2.37
N ASP D 310 25.56 15.89 -2.54
CA ASP D 310 25.72 17.02 -3.44
C ASP D 310 26.83 16.72 -4.46
N TYR D 311 27.23 17.74 -5.23
CA TYR D 311 28.22 17.60 -6.31
C TYR D 311 29.55 18.21 -5.87
N SER D 312 29.78 18.30 -4.54
CA SER D 312 31.03 18.79 -3.99
C SER D 312 32.10 17.69 -4.08
N PRO D 313 33.40 18.04 -3.94
CA PRO D 313 34.46 17.03 -4.00
C PRO D 313 34.33 15.92 -2.96
N LEU D 314 33.86 16.24 -1.75
CA LEU D 314 33.72 15.26 -0.69
C LEU D 314 32.32 14.65 -0.64
N GLY D 315 31.43 15.06 -1.56
CA GLY D 315 30.04 14.66 -1.56
C GLY D 315 29.81 13.32 -2.25
N PHE D 316 28.56 12.85 -2.24
CA PHE D 316 28.22 11.55 -2.80
C PHE D 316 28.37 11.56 -4.32
N GLY D 317 27.79 12.61 -4.95
CA GLY D 317 27.85 12.82 -6.38
C GLY D 317 27.07 11.75 -7.15
N GLY D 318 27.67 11.28 -8.26
CA GLY D 318 26.98 10.42 -9.21
C GLY D 318 25.57 10.90 -9.55
N THR D 319 24.62 9.96 -9.54
CA THR D 319 23.21 10.22 -9.81
C THR D 319 22.39 10.20 -8.51
N GLY D 320 23.07 10.08 -7.37
CA GLY D 320 22.40 9.93 -6.09
C GLY D 320 21.77 8.54 -5.88
N THR D 321 22.27 7.54 -6.62
CA THR D 321 21.82 6.16 -6.47
C THR D 321 22.40 5.56 -5.20
N VAL D 322 21.51 5.01 -4.34
CA VAL D 322 21.91 4.50 -3.04
C VAL D 322 21.46 3.06 -2.90
N ILE D 323 22.44 2.14 -3.02
CA ILE D 323 22.20 0.71 -2.82
C ILE D 323 22.83 0.32 -1.49
N VAL D 324 22.03 -0.15 -0.52
CA VAL D 324 22.50 -0.38 0.83
C VAL D 324 22.78 -1.88 1.04
N LEU D 325 24.03 -2.18 1.46
CA LEU D 325 24.43 -3.52 1.91
C LEU D 325 24.60 -3.51 3.43
N THR D 326 24.15 -4.58 4.09
CA THR D 326 24.33 -4.66 5.54
C THR D 326 25.36 -5.73 5.89
N GLU D 327 25.53 -5.91 7.21
CA GLU D 327 26.68 -6.61 7.79
C GLU D 327 26.84 -8.06 7.32
N GLU D 328 25.74 -8.72 6.93
N GLU D 328 25.78 -8.77 6.94
CA GLU D 328 25.76 -10.11 6.50
CA GLU D 328 25.95 -10.15 6.51
C GLU D 328 26.17 -10.23 5.03
C GLU D 328 26.03 -10.26 4.98
N ASP D 329 26.08 -9.14 4.26
CA ASP D 329 26.23 -9.20 2.82
C ASP D 329 27.69 -9.34 2.41
N ASP D 330 27.98 -10.38 1.62
CA ASP D 330 29.35 -10.70 1.21
C ASP D 330 29.80 -9.68 0.16
N ILE D 331 30.89 -8.95 0.45
CA ILE D 331 31.36 -7.87 -0.41
C ILE D 331 31.94 -8.42 -1.72
N VAL D 332 32.54 -9.61 -1.67
CA VAL D 332 33.14 -10.22 -2.86
C VAL D 332 32.03 -10.70 -3.82
N GLU D 333 30.98 -11.31 -3.27
CA GLU D 333 29.80 -11.67 -4.06
C GLU D 333 29.18 -10.43 -4.73
N ALA D 334 29.10 -9.32 -3.99
CA ALA D 334 28.57 -8.06 -4.52
C ALA D 334 29.47 -7.48 -5.61
N ALA D 335 30.78 -7.51 -5.36
CA ALA D 335 31.76 -7.08 -6.37
C ALA D 335 31.65 -7.92 -7.65
N LEU D 336 31.40 -9.23 -7.52
CA LEU D 336 31.23 -10.07 -8.71
C LEU D 336 30.04 -9.60 -9.55
N LYS D 337 28.93 -9.23 -8.89
CA LYS D 337 27.78 -8.75 -9.64
C LYS D 337 28.10 -7.45 -10.37
N ILE D 338 28.88 -6.54 -9.77
CA ILE D 338 29.33 -5.34 -10.47
C ILE D 338 30.24 -5.73 -11.67
N ALA D 339 31.14 -6.69 -11.49
CA ALA D 339 32.02 -7.09 -12.59
C ALA D 339 31.21 -7.67 -13.74
N GLU D 340 30.17 -8.47 -13.41
CA GLU D 340 29.33 -9.10 -14.43
C GLU D 340 28.60 -8.04 -15.28
N PHE D 341 28.14 -6.98 -14.63
CA PHE D 341 27.52 -5.85 -15.33
C PHE D 341 28.47 -5.27 -16.39
N TYR D 342 29.71 -4.91 -16.00
CA TYR D 342 30.64 -4.31 -16.95
C TYR D 342 31.01 -5.31 -18.05
N GLU D 343 31.18 -6.60 -17.71
CA GLU D 343 31.42 -7.63 -18.71
C GLU D 343 30.32 -7.61 -19.77
N HIS D 344 29.07 -7.44 -19.32
CA HIS D 344 27.93 -7.54 -20.22
C HIS D 344 27.75 -6.28 -21.05
N GLU D 345 28.38 -5.15 -20.65
CA GLU D 345 28.02 -3.87 -21.23
C GLU D 345 29.16 -3.14 -21.97
N THR D 346 30.42 -3.59 -21.88
CA THR D 346 31.46 -3.03 -22.75
C THR D 346 31.06 -3.21 -24.23
N CYS D 347 31.24 -2.17 -25.04
CA CYS D 347 30.91 -2.25 -26.45
C CYS D 347 32.04 -2.90 -27.27
N GLY D 348 33.24 -3.02 -26.69
CA GLY D 348 34.33 -3.76 -27.28
C GLY D 348 35.20 -3.01 -28.29
N GLN D 349 34.98 -1.70 -28.51
CA GLN D 349 35.80 -0.91 -29.44
C GLN D 349 37.24 -0.78 -28.95
N CYS D 350 37.43 -0.70 -27.63
CA CYS D 350 38.74 -0.42 -27.06
C CYS D 350 39.28 -1.70 -26.42
N THR D 351 40.54 -2.01 -26.67
CA THR D 351 41.06 -3.34 -26.31
C THR D 351 41.10 -3.54 -24.79
N PRO D 352 41.72 -2.66 -23.97
CA PRO D 352 41.77 -2.90 -22.53
C PRO D 352 40.39 -2.96 -21.91
N CYS D 353 39.42 -2.16 -22.39
CA CYS D 353 38.06 -2.26 -21.91
C CYS D 353 37.43 -3.61 -22.30
N ARG D 354 37.54 -3.98 -23.57
CA ARG D 354 36.96 -5.24 -24.06
C ARG D 354 37.47 -6.45 -23.28
N VAL D 355 38.80 -6.58 -23.16
N VAL D 355 38.81 -6.56 -23.21
CA VAL D 355 39.34 -7.78 -22.56
CA VAL D 355 39.50 -7.68 -22.59
C VAL D 355 39.36 -7.65 -21.04
C VAL D 355 39.32 -7.62 -21.08
N GLY D 356 39.50 -6.40 -20.55
CA GLY D 356 39.54 -6.18 -19.12
C GLY D 356 38.19 -6.42 -18.44
N CYS D 357 37.11 -5.92 -19.02
CA CYS D 357 35.80 -6.15 -18.45
C CYS D 357 35.49 -7.65 -18.42
N TYR D 358 35.87 -8.36 -19.50
CA TYR D 358 35.66 -9.78 -19.56
C TYR D 358 36.49 -10.51 -18.50
N GLU D 359 37.79 -10.19 -18.44
CA GLU D 359 38.68 -10.94 -17.56
C GLU D 359 38.39 -10.63 -16.09
N GLN D 360 38.05 -9.37 -15.79
CA GLN D 360 37.71 -8.98 -14.43
C GLN D 360 36.59 -9.89 -13.92
N ALA D 361 35.54 -10.09 -14.72
CA ALA D 361 34.43 -10.91 -14.27
C ALA D 361 34.80 -12.41 -14.25
N ASN D 362 35.50 -12.87 -15.28
CA ASN D 362 35.85 -14.28 -15.40
C ASN D 362 36.75 -14.70 -14.22
N LEU D 363 37.74 -13.87 -13.91
CA LEU D 363 38.65 -14.20 -12.83
C LEU D 363 37.98 -14.05 -11.47
N LEU D 364 37.16 -13.02 -11.28
CA LEU D 364 36.51 -12.80 -10.00
C LEU D 364 35.54 -13.95 -9.72
N GLU D 365 34.94 -14.51 -10.78
CA GLU D 365 34.05 -15.66 -10.58
C GLU D 365 34.84 -16.86 -10.07
N LYS D 366 36.04 -17.08 -10.64
CA LYS D 366 36.90 -18.15 -10.14
C LYS D 366 37.26 -17.90 -8.68
N ILE D 367 37.62 -16.66 -8.32
CA ILE D 367 37.95 -16.30 -6.94
C ILE D 367 36.78 -16.62 -6.01
N TYR D 368 35.58 -16.22 -6.42
CA TYR D 368 34.39 -16.36 -5.61
C TYR D 368 34.11 -17.85 -5.34
N LYS D 369 34.29 -18.68 -6.37
CA LYS D 369 33.97 -20.10 -6.30
C LYS D 369 35.10 -20.90 -5.66
N GLY D 370 36.21 -20.24 -5.28
CA GLY D 370 37.34 -20.90 -4.67
C GLY D 370 38.17 -21.75 -5.65
N GLU D 371 38.15 -21.38 -6.93
CA GLU D 371 38.84 -22.12 -7.98
C GLU D 371 39.99 -21.30 -8.58
N ALA D 372 40.39 -20.19 -7.94
CA ALA D 372 41.39 -19.31 -8.53
C ALA D 372 42.78 -19.79 -8.13
N THR D 373 43.68 -19.88 -9.13
CA THR D 373 45.10 -20.09 -8.87
C THR D 373 45.73 -18.82 -8.31
N GLU D 374 46.98 -18.93 -7.84
CA GLU D 374 47.77 -17.76 -7.47
C GLU D 374 47.87 -16.78 -8.65
N GLN D 375 48.08 -17.33 -9.85
N GLN D 375 48.08 -17.33 -9.85
CA GLN D 375 48.20 -16.50 -11.04
CA GLN D 375 48.20 -16.49 -11.04
C GLN D 375 46.87 -15.81 -11.36
C GLN D 375 46.87 -15.81 -11.36
N ASP D 376 45.74 -16.51 -11.14
CA ASP D 376 44.43 -15.92 -11.35
C ASP D 376 44.23 -14.73 -10.40
N TRP D 377 44.71 -14.84 -9.15
CA TRP D 377 44.58 -13.75 -8.19
C TRP D 377 45.39 -12.52 -8.61
N GLU D 378 46.67 -12.74 -8.95
CA GLU D 378 47.54 -11.67 -9.41
C GLU D 378 47.03 -11.07 -10.72
N GLY D 379 46.53 -11.94 -11.61
CA GLY D 379 45.93 -11.49 -12.86
C GLY D 379 44.71 -10.58 -12.65
N PHE D 380 43.83 -10.97 -11.70
CA PHE D 380 42.66 -10.20 -11.36
C PHE D 380 43.06 -8.80 -10.90
N ASP D 381 44.04 -8.69 -9.99
CA ASP D 381 44.50 -7.40 -9.51
C ASP D 381 45.04 -6.56 -10.67
N PHE D 382 45.85 -7.16 -11.55
CA PHE D 382 46.38 -6.45 -12.70
C PHE D 382 45.27 -5.97 -13.64
N VAL D 383 44.35 -6.86 -14.01
CA VAL D 383 43.28 -6.50 -14.94
C VAL D 383 42.44 -5.35 -14.40
N ASN D 384 42.05 -5.45 -13.12
CA ASN D 384 41.25 -4.41 -12.49
C ASN D 384 41.89 -3.02 -12.61
N ARG D 385 43.23 -2.95 -12.56
N ARG D 385 43.23 -2.99 -12.55
CA ARG D 385 43.91 -1.66 -12.65
CA ARG D 385 44.05 -1.80 -12.62
C ARG D 385 44.13 -1.22 -14.09
C ARG D 385 44.27 -1.33 -14.06
N ASN D 386 43.82 -2.09 -15.08
CA ASN D 386 44.22 -1.85 -16.47
C ASN D 386 43.08 -1.96 -17.49
N ILE D 387 41.86 -1.60 -17.09
CA ILE D 387 40.73 -1.55 -18.00
C ILE D 387 40.71 -0.18 -18.70
N GLN D 388 41.14 0.86 -17.99
CA GLN D 388 40.97 2.23 -18.46
C GLN D 388 41.89 2.59 -19.64
N PRO D 389 43.17 2.13 -19.77
CA PRO D 389 44.05 2.67 -20.81
C PRO D 389 43.46 2.60 -22.23
N THR D 390 43.59 3.72 -22.96
CA THR D 390 43.13 3.92 -24.33
C THR D 390 41.61 4.03 -24.45
N SER D 391 40.84 3.91 -23.35
CA SER D 391 39.39 3.97 -23.40
C SER D 391 38.93 5.30 -24.01
N ILE D 392 37.89 5.23 -24.83
CA ILE D 392 37.38 6.48 -25.35
C ILE D 392 36.13 6.95 -24.61
N CYS D 393 35.54 6.15 -23.71
CA CYS D 393 34.36 6.63 -22.98
C CYS D 393 34.48 6.30 -21.49
N GLY D 394 33.54 6.86 -20.70
CA GLY D 394 33.52 6.68 -19.25
C GLY D 394 33.44 5.24 -18.76
N LEU D 395 32.89 4.30 -19.57
CA LEU D 395 32.70 2.96 -19.06
C LEU D 395 34.05 2.30 -18.76
N GLY D 396 35.01 2.38 -19.70
CA GLY D 396 36.31 1.78 -19.45
C GLY D 396 37.04 2.49 -18.31
N ALA D 397 36.79 3.79 -18.20
CA ALA D 397 37.40 4.58 -17.14
C ALA D 397 36.95 4.16 -15.73
N VAL D 398 35.74 3.59 -15.56
CA VAL D 398 35.24 3.30 -14.22
C VAL D 398 34.92 1.81 -14.01
N ALA D 399 35.15 0.94 -15.00
CA ALA D 399 34.71 -0.44 -14.84
C ALA D 399 35.41 -1.14 -13.68
N GLY D 400 36.61 -0.67 -13.28
CA GLY D 400 37.30 -1.25 -12.14
C GLY D 400 37.17 -0.45 -10.83
N ARG D 401 36.48 0.71 -10.87
CA ARG D 401 36.57 1.71 -9.79
C ARG D 401 35.94 1.17 -8.50
N LEU D 402 34.65 0.83 -8.56
CA LEU D 402 33.95 0.31 -7.38
C LEU D 402 34.70 -0.89 -6.82
N ILE D 403 35.15 -1.82 -7.67
CA ILE D 403 35.76 -3.05 -7.19
C ILE D 403 37.07 -2.75 -6.48
N ARG D 404 37.86 -1.82 -7.02
CA ARG D 404 39.10 -1.39 -6.38
C ARG D 404 38.80 -0.79 -5.01
N GLN D 405 37.76 0.06 -4.93
CA GLN D 405 37.38 0.61 -3.62
C GLN D 405 37.02 -0.49 -2.62
N THR D 406 36.36 -1.59 -3.04
CA THR D 406 36.07 -2.67 -2.11
C THR D 406 37.35 -3.38 -1.66
N LEU D 407 38.35 -3.46 -2.56
CA LEU D 407 39.60 -4.09 -2.21
C LEU D 407 40.32 -3.27 -1.14
N GLU D 408 40.21 -1.94 -1.24
CA GLU D 408 40.86 -1.02 -0.32
C GLU D 408 40.09 -0.90 0.99
N LYS D 409 38.76 -0.94 0.94
CA LYS D 409 37.98 -0.64 2.13
C LYS D 409 37.62 -1.91 2.91
N PHE D 410 37.67 -3.09 2.28
CA PHE D 410 37.28 -4.35 2.91
C PHE D 410 38.35 -5.42 2.69
N PRO D 411 39.62 -5.13 3.04
CA PRO D 411 40.73 -6.04 2.79
C PRO D 411 40.57 -7.40 3.48
N GLU D 412 39.97 -7.39 4.68
CA GLU D 412 39.74 -8.58 5.47
C GLU D 412 38.89 -9.61 4.72
N GLU D 413 37.79 -9.17 4.10
CA GLU D 413 36.88 -10.11 3.43
C GLU D 413 37.55 -10.68 2.18
N TRP D 414 38.30 -9.86 1.44
CA TRP D 414 38.99 -10.34 0.26
C TRP D 414 40.07 -11.35 0.66
N GLU D 415 40.84 -11.03 1.72
CA GLU D 415 41.90 -11.91 2.22
C GLU D 415 41.34 -13.29 2.58
N LYS D 416 40.10 -13.36 3.08
CA LYS D 416 39.48 -14.65 3.40
C LYS D 416 39.33 -15.50 2.14
N TYR D 417 39.04 -14.85 1.00
CA TYR D 417 38.90 -15.57 -0.27
C TYR D 417 40.26 -16.06 -0.78
N ARG D 418 41.31 -15.24 -0.63
CA ARG D 418 42.64 -15.60 -1.10
C ARG D 418 43.18 -16.79 -0.31
N LYS D 419 42.94 -16.82 1.01
CA LYS D 419 43.19 -18.01 1.81
C LYS D 419 42.12 -19.06 1.51
#